data_1OGD
#
_entry.id   1OGD
#
_cell.length_a   123.515
_cell.length_b   108.656
_cell.length_c   83.308
_cell.angle_alpha   90.00
_cell.angle_beta   128.68
_cell.angle_gamma   90.00
#
_symmetry.space_group_name_H-M   'C 1 2 1'
#
loop_
_entity.id
_entity.type
_entity.pdbx_description
1 polymer 'HIGH AFFINITY RIBOSE TRANSPORT PROTEIN RBSD'
2 non-polymer 'CHLORIDE ION'
3 non-polymer beta-D-ribopyranose
4 water water
#
_entity_poly.entity_id   1
_entity_poly.type   'polypeptide(L)'
_entity_poly.pdbx_seq_one_letter_code
;MKKHGILNSHLAKILADLGHTDKIVIADAGLPVPDGVLKIDLSLKPGLPAFQDTAAVLAEEMAVEKVIAAAEIKASNQEN
AKFLENLFSEQEIEYLSHEEFKLLTKDAKAVIRTGEFTPYANCILQAGVLF
;
_entity_poly.pdbx_strand_id   A,B,C,D,E
#
loop_
_chem_comp.id
_chem_comp.type
_chem_comp.name
_chem_comp.formula
CL non-polymer 'CHLORIDE ION' 'Cl -1'
RIP D-saccharide, beta linking beta-D-ribopyranose 'C5 H10 O5'
#
# COMPACT_ATOMS: atom_id res chain seq x y z
N MET A 1 4.63 21.01 30.89
CA MET A 1 5.61 20.92 29.76
C MET A 1 6.67 19.86 30.00
N LYS A 2 7.25 19.37 28.90
CA LYS A 2 8.30 18.37 28.93
C LYS A 2 9.55 19.05 29.49
N LYS A 3 10.13 18.48 30.53
CA LYS A 3 11.33 19.05 31.15
C LYS A 3 12.61 18.87 30.35
N HIS A 4 12.85 17.65 29.88
CA HIS A 4 14.08 17.34 29.16
C HIS A 4 13.90 16.97 27.69
N GLY A 5 15.02 16.90 26.98
CA GLY A 5 15.01 16.55 25.57
C GLY A 5 14.85 17.72 24.62
N ILE A 6 14.75 17.41 23.33
CA ILE A 6 14.61 18.42 22.29
C ILE A 6 13.28 19.18 22.44
N LEU A 7 13.29 20.47 22.15
CA LEU A 7 12.10 21.32 22.30
C LEU A 7 11.01 21.09 21.26
N ASN A 8 11.41 20.83 20.01
CA ASN A 8 10.45 20.62 18.94
C ASN A 8 9.61 19.36 19.14
N SER A 9 8.30 19.55 19.18
CA SER A 9 7.37 18.44 19.39
C SER A 9 7.43 17.41 18.27
N HIS A 10 7.52 17.86 17.03
CA HIS A 10 7.58 16.93 15.90
C HIS A 10 8.86 16.09 15.98
N LEU A 11 9.98 16.74 16.23
CA LEU A 11 11.25 16.03 16.32
C LEU A 11 11.30 15.06 17.50
N ALA A 12 10.75 15.48 18.63
CA ALA A 12 10.73 14.64 19.82
C ALA A 12 10.07 13.30 19.51
N LYS A 13 8.98 13.33 18.75
CA LYS A 13 8.28 12.10 18.40
C LYS A 13 9.13 11.17 17.54
N ILE A 14 9.92 11.77 16.65
CA ILE A 14 10.81 10.99 15.79
C ILE A 14 11.95 10.38 16.61
N LEU A 15 12.58 11.19 17.46
CA LEU A 15 13.69 10.67 18.27
C LEU A 15 13.24 9.54 19.17
N ALA A 16 12.03 9.67 19.71
CA ALA A 16 11.46 8.67 20.62
C ALA A 16 11.41 7.26 20.04
N ASP A 17 11.20 7.15 18.72
CA ASP A 17 11.10 5.85 18.11
C ASP A 17 12.41 5.33 17.53
N LEU A 18 13.45 6.15 17.53
CA LEU A 18 14.72 5.73 16.99
C LEU A 18 15.31 4.50 17.68
N GLY A 19 15.75 3.56 16.85
CA GLY A 19 16.37 2.34 17.33
C GLY A 19 17.74 2.31 16.68
N HIS A 20 18.59 1.38 17.12
CA HIS A 20 19.93 1.28 16.56
C HIS A 20 19.94 1.15 15.03
N THR A 21 20.66 2.07 14.38
CA THR A 21 20.83 2.13 12.92
C THR A 21 19.76 2.91 12.15
N ASP A 22 18.69 3.34 12.81
CA ASP A 22 17.67 4.12 12.12
C ASP A 22 18.32 5.42 11.66
N LYS A 23 17.79 6.02 10.60
CA LYS A 23 18.36 7.23 10.04
C LYS A 23 17.38 8.39 9.88
N ILE A 24 17.89 9.60 10.08
CA ILE A 24 17.11 10.80 9.88
C ILE A 24 17.97 11.67 8.99
N VAL A 25 17.35 12.59 8.25
CA VAL A 25 18.08 13.45 7.35
C VAL A 25 17.90 14.92 7.70
N ILE A 26 18.98 15.68 7.64
CA ILE A 26 18.93 17.12 7.87
C ILE A 26 19.20 17.65 6.48
N ALA A 27 18.31 18.47 5.96
CA ALA A 27 18.47 18.93 4.59
C ALA A 27 18.43 20.43 4.39
N ASP A 28 19.00 20.87 3.27
CA ASP A 28 18.96 22.28 2.93
C ASP A 28 17.58 22.49 2.28
N ALA A 29 17.26 23.72 1.92
CA ALA A 29 15.96 24.03 1.34
C ALA A 29 15.65 23.42 -0.04
N GLY A 30 16.65 22.82 -0.68
CA GLY A 30 16.40 22.28 -2.00
C GLY A 30 16.31 20.77 -2.14
N LEU A 31 16.76 20.02 -1.15
CA LEU A 31 16.72 18.56 -1.24
C LEU A 31 15.31 18.00 -1.45
N PRO A 32 15.13 17.15 -2.47
CA PRO A 32 13.80 16.56 -2.69
C PRO A 32 13.58 15.48 -1.63
N VAL A 33 12.34 15.32 -1.19
CA VAL A 33 12.00 14.30 -0.19
C VAL A 33 11.28 13.13 -0.86
N PRO A 34 11.84 11.92 -0.73
CA PRO A 34 11.21 10.74 -1.35
C PRO A 34 9.77 10.57 -0.89
N ASP A 35 8.94 9.95 -1.73
CA ASP A 35 7.54 9.72 -1.37
C ASP A 35 7.50 8.77 -0.18
N GLY A 36 6.56 9.00 0.73
CA GLY A 36 6.46 8.13 1.89
C GLY A 36 7.32 8.50 3.09
N VAL A 37 8.30 9.38 2.90
CA VAL A 37 9.16 9.77 4.00
C VAL A 37 8.61 11.02 4.67
N LEU A 38 8.48 10.99 5.99
CA LEU A 38 7.97 12.11 6.74
C LEU A 38 8.85 13.35 6.60
N LYS A 39 8.20 14.48 6.36
CA LYS A 39 8.91 15.74 6.18
C LYS A 39 8.55 16.73 7.28
N ILE A 40 9.57 17.20 8.01
CA ILE A 40 9.35 18.17 9.07
C ILE A 40 10.11 19.43 8.64
N ASP A 41 9.35 20.46 8.26
CA ASP A 41 9.94 21.69 7.76
C ASP A 41 10.06 22.76 8.86
N LEU A 42 11.31 23.08 9.23
CA LEU A 42 11.58 24.06 10.27
C LEU A 42 11.93 25.42 9.69
N SER A 43 12.09 25.50 8.38
CA SER A 43 12.47 26.75 7.72
C SER A 43 11.49 27.90 7.99
N LEU A 44 12.05 29.09 8.08
CA LEU A 44 11.25 30.29 8.32
C LEU A 44 11.54 31.27 7.18
N LYS A 45 12.81 31.37 6.82
CA LYS A 45 13.26 32.26 5.77
C LYS A 45 14.65 31.78 5.36
N PRO A 46 15.16 32.24 4.20
CA PRO A 46 16.48 31.80 3.77
C PRO A 46 17.54 32.01 4.86
N GLY A 47 18.22 30.93 5.24
CA GLY A 47 19.23 31.03 6.27
C GLY A 47 18.75 30.82 7.70
N LEU A 48 17.45 30.61 7.88
CA LEU A 48 16.90 30.42 9.23
C LEU A 48 15.84 29.30 9.26
N PRO A 49 16.13 28.20 9.96
CA PRO A 49 17.37 27.92 10.70
C PRO A 49 18.48 27.50 9.78
N ALA A 50 19.72 27.63 10.26
CA ALA A 50 20.88 27.25 9.47
C ALA A 50 21.19 25.77 9.67
N PHE A 51 21.86 25.19 8.68
CA PHE A 51 22.25 23.78 8.72
C PHE A 51 23.05 23.49 9.97
N GLN A 52 24.01 24.37 10.28
CA GLN A 52 24.86 24.18 11.44
C GLN A 52 24.07 24.18 12.73
N ASP A 53 23.18 25.16 12.90
CA ASP A 53 22.40 25.23 14.12
C ASP A 53 21.53 24.00 14.32
N THR A 54 20.90 23.54 13.24
CA THR A 54 20.05 22.36 13.35
C THR A 54 20.86 21.11 13.67
N ALA A 55 21.98 20.92 12.98
CA ALA A 55 22.82 19.77 13.21
C ALA A 55 23.37 19.75 14.64
N ALA A 56 23.67 20.93 15.19
CA ALA A 56 24.19 21.03 16.54
C ALA A 56 23.18 20.55 17.58
N VAL A 57 21.93 20.97 17.43
CA VAL A 57 20.88 20.56 18.36
C VAL A 57 20.66 19.06 18.29
N LEU A 58 20.57 18.52 17.08
CA LEU A 58 20.36 17.08 16.92
C LEU A 58 21.51 16.27 17.53
N ALA A 59 22.72 16.78 17.37
CA ALA A 59 23.90 16.11 17.89
C ALA A 59 23.83 15.90 19.41
N GLU A 60 23.29 16.87 20.13
CA GLU A 60 23.21 16.75 21.58
C GLU A 60 21.96 16.04 22.11
N GLU A 61 20.99 15.77 21.24
CA GLU A 61 19.77 15.10 21.66
C GLU A 61 19.66 13.69 21.12
N MET A 62 20.57 13.35 20.22
CA MET A 62 20.57 12.04 19.59
C MET A 62 21.95 11.40 19.60
N ALA A 63 21.99 10.12 19.93
CA ALA A 63 23.25 9.38 19.93
C ALA A 63 23.52 8.97 18.47
N VAL A 64 24.53 9.59 17.86
CA VAL A 64 24.90 9.29 16.47
C VAL A 64 26.14 8.42 16.37
N GLU A 65 26.05 7.32 15.64
CA GLU A 65 27.20 6.43 15.48
C GLU A 65 27.87 6.57 14.11
N LYS A 66 27.19 7.24 13.18
CA LYS A 66 27.74 7.42 11.85
C LYS A 66 27.02 8.54 11.11
N VAL A 67 27.79 9.34 10.38
CA VAL A 67 27.25 10.46 9.61
C VAL A 67 27.53 10.20 8.14
N ILE A 68 26.59 10.59 7.28
CA ILE A 68 26.75 10.39 5.85
C ILE A 68 26.43 11.69 5.12
N ALA A 69 27.36 12.13 4.28
CA ALA A 69 27.18 13.35 3.51
C ALA A 69 27.64 13.10 2.08
N ALA A 70 27.34 14.03 1.19
CA ALA A 70 27.74 13.87 -0.21
C ALA A 70 29.15 14.44 -0.39
N ALA A 71 29.98 13.73 -1.14
CA ALA A 71 31.36 14.17 -1.39
C ALA A 71 31.36 15.62 -1.90
N GLU A 72 30.41 15.93 -2.75
CA GLU A 72 30.29 17.27 -3.33
C GLU A 72 30.35 18.39 -2.31
N ILE A 73 29.97 18.12 -1.07
CA ILE A 73 29.98 19.16 -0.04
C ILE A 73 31.38 19.69 0.25
N LYS A 74 32.39 18.82 0.15
CA LYS A 74 33.77 19.21 0.40
C LYS A 74 34.27 20.27 -0.58
N ALA A 75 33.78 20.21 -1.81
CA ALA A 75 34.20 21.16 -2.84
C ALA A 75 33.31 22.40 -2.93
N SER A 76 32.00 22.18 -2.91
CA SER A 76 31.05 23.28 -3.03
C SER A 76 30.66 23.98 -1.74
N ASN A 77 30.86 23.31 -0.61
CA ASN A 77 30.49 23.92 0.67
C ASN A 77 31.52 23.59 1.74
N GLN A 78 32.74 24.11 1.56
CA GLN A 78 33.83 23.84 2.49
C GLN A 78 33.57 24.23 3.95
N GLU A 79 32.88 25.34 4.17
CA GLU A 79 32.61 25.77 5.53
C GLU A 79 31.75 24.76 6.29
N ASN A 80 30.62 24.35 5.72
CA ASN A 80 29.76 23.38 6.37
C ASN A 80 30.37 21.99 6.39
N ALA A 81 31.30 21.74 5.47
CA ALA A 81 31.98 20.46 5.41
C ALA A 81 32.89 20.32 6.63
N LYS A 82 33.51 21.43 7.02
CA LYS A 82 34.41 21.43 8.18
C LYS A 82 33.60 21.33 9.46
N PHE A 83 32.47 22.05 9.50
CA PHE A 83 31.59 22.04 10.65
C PHE A 83 31.28 20.59 11.04
N LEU A 84 30.87 19.81 10.05
CA LEU A 84 30.54 18.40 10.25
C LEU A 84 31.70 17.59 10.82
N GLU A 85 32.86 17.72 10.20
CA GLU A 85 34.07 17.01 10.64
C GLU A 85 34.36 17.35 12.09
N ASN A 86 34.25 18.63 12.42
CA ASN A 86 34.50 19.12 13.77
C ASN A 86 33.42 18.69 14.77
N LEU A 87 32.16 18.80 14.37
CA LEU A 87 31.05 18.42 15.23
C LEU A 87 31.03 16.92 15.52
N PHE A 88 31.24 16.11 14.49
CA PHE A 88 31.24 14.66 14.69
C PHE A 88 32.63 14.04 14.66
N SER A 89 33.46 14.51 15.59
CA SER A 89 34.84 14.06 15.73
C SER A 89 34.98 12.57 15.95
N GLU A 90 34.25 12.04 16.95
CA GLU A 90 34.32 10.62 17.28
C GLU A 90 33.56 9.72 16.32
N GLN A 91 32.49 10.22 15.73
CA GLN A 91 31.68 9.43 14.81
C GLN A 91 32.38 9.19 13.48
N GLU A 92 31.93 8.15 12.78
CA GLU A 92 32.47 7.79 11.48
C GLU A 92 31.74 8.61 10.41
N ILE A 93 32.51 9.36 9.62
CA ILE A 93 31.92 10.16 8.56
C ILE A 93 32.19 9.55 7.20
N GLU A 94 31.11 9.16 6.52
CA GLU A 94 31.22 8.54 5.21
C GLU A 94 30.69 9.48 4.11
N TYR A 95 31.41 9.56 2.99
CA TYR A 95 31.02 10.39 1.88
C TYR A 95 30.63 9.57 0.67
N LEU A 96 29.57 9.98 0.00
CA LEU A 96 29.08 9.30 -1.19
C LEU A 96 28.74 10.35 -2.21
N SER A 97 28.49 9.94 -3.45
CA SER A 97 28.12 10.88 -4.47
C SER A 97 26.72 11.36 -4.08
N HIS A 98 26.34 12.55 -4.54
CA HIS A 98 25.03 13.08 -4.21
C HIS A 98 23.90 12.14 -4.66
N GLU A 99 24.12 11.45 -5.77
CA GLU A 99 23.12 10.53 -6.29
C GLU A 99 22.88 9.35 -5.36
N GLU A 100 23.96 8.76 -4.87
CA GLU A 100 23.83 7.63 -3.94
C GLU A 100 23.19 8.14 -2.66
N PHE A 101 23.59 9.35 -2.25
CA PHE A 101 23.05 9.97 -1.05
C PHE A 101 21.53 10.01 -1.10
N LYS A 102 20.98 10.55 -2.19
CA LYS A 102 19.54 10.65 -2.36
C LYS A 102 18.85 9.29 -2.27
N LEU A 103 19.50 8.25 -2.77
CA LEU A 103 18.94 6.91 -2.70
C LEU A 103 18.78 6.46 -1.25
N LEU A 104 19.77 6.78 -0.43
CA LEU A 104 19.74 6.42 0.97
C LEU A 104 18.64 7.12 1.76
N THR A 105 18.26 8.32 1.34
CA THR A 105 17.22 9.05 2.04
C THR A 105 15.85 8.38 1.99
N LYS A 106 15.68 7.44 1.07
CA LYS A 106 14.42 6.73 0.95
C LYS A 106 14.17 5.84 2.16
N ASP A 107 15.24 5.56 2.90
CA ASP A 107 15.18 4.72 4.09
C ASP A 107 15.09 5.51 5.39
N ALA A 108 15.20 6.83 5.28
CA ALA A 108 15.15 7.69 6.46
C ALA A 108 13.78 7.69 7.12
N LYS A 109 13.76 7.88 8.44
CA LYS A 109 12.51 7.91 9.18
C LYS A 109 11.89 9.29 9.00
N ALA A 110 12.72 10.25 8.61
CA ALA A 110 12.23 11.61 8.41
C ALA A 110 13.31 12.48 7.79
N VAL A 111 12.85 13.56 7.18
CA VAL A 111 13.75 14.54 6.57
C VAL A 111 13.42 15.84 7.26
N ILE A 112 14.43 16.49 7.83
CA ILE A 112 14.24 17.76 8.50
C ILE A 112 14.74 18.85 7.55
N ARG A 113 13.83 19.69 7.10
CA ARG A 113 14.17 20.75 6.17
C ARG A 113 14.54 22.03 6.91
N THR A 114 15.74 22.52 6.66
CA THR A 114 16.21 23.76 7.28
C THR A 114 16.09 24.88 6.26
N GLY A 115 16.46 26.10 6.66
CA GLY A 115 16.37 27.22 5.73
C GLY A 115 17.69 27.45 5.01
N GLU A 116 18.58 26.48 5.10
CA GLU A 116 19.91 26.56 4.50
C GLU A 116 19.87 26.69 2.97
N PHE A 117 20.42 27.80 2.47
CA PHE A 117 20.47 28.06 1.05
C PHE A 117 21.87 27.90 0.45
N THR A 118 22.61 26.88 0.88
CA THR A 118 23.94 26.64 0.33
C THR A 118 24.01 25.20 -0.20
N PRO A 119 24.75 24.99 -1.30
CA PRO A 119 24.94 23.70 -1.97
C PRO A 119 25.36 22.51 -1.11
N TYR A 120 24.63 21.41 -1.28
CA TYR A 120 24.88 20.15 -0.60
C TYR A 120 25.00 20.18 0.92
N ALA A 121 24.24 21.07 1.55
CA ALA A 121 24.24 21.15 3.01
C ALA A 121 23.21 20.14 3.51
N ASN A 122 23.50 18.85 3.33
CA ASN A 122 22.62 17.77 3.77
C ASN A 122 23.43 16.66 4.41
N CYS A 123 22.85 15.97 5.38
CA CYS A 123 23.55 14.85 5.99
C CYS A 123 22.56 13.88 6.63
N ILE A 124 22.96 12.62 6.70
CA ILE A 124 22.16 11.58 7.31
C ILE A 124 22.83 11.19 8.63
N LEU A 125 22.06 11.19 9.71
CA LEU A 125 22.58 10.80 11.01
C LEU A 125 22.08 9.40 11.29
N GLN A 126 22.99 8.46 11.52
CA GLN A 126 22.62 7.09 11.81
C GLN A 126 22.66 6.88 13.32
N ALA A 127 21.52 6.50 13.88
CA ALA A 127 21.37 6.29 15.31
C ALA A 127 22.27 5.22 15.92
N GLY A 128 22.88 5.54 17.06
CA GLY A 128 23.71 4.58 17.74
C GLY A 128 22.89 3.92 18.82
N VAL A 129 23.56 3.38 19.83
CA VAL A 129 22.85 2.72 20.92
C VAL A 129 23.42 3.22 22.26
N LEU A 130 22.57 3.28 23.28
CA LEU A 130 22.97 3.77 24.61
C LEU A 130 23.56 2.74 25.56
N PHE A 131 23.83 1.54 25.07
CA PHE A 131 24.41 0.50 25.90
C PHE A 131 25.04 -0.57 25.03
N MET B 1 -14.32 -6.02 34.32
CA MET B 1 -12.91 -6.32 33.95
C MET B 1 -12.76 -7.76 33.46
N LYS B 2 -11.70 -7.99 32.69
CA LYS B 2 -11.40 -9.30 32.14
C LYS B 2 -10.81 -10.13 33.29
N LYS B 3 -11.40 -11.30 33.55
CA LYS B 3 -10.94 -12.16 34.62
C LYS B 3 -9.64 -12.91 34.36
N HIS B 4 -9.49 -13.44 33.14
CA HIS B 4 -8.30 -14.22 32.83
C HIS B 4 -7.41 -13.68 31.73
N GLY B 5 -6.23 -14.27 31.61
CA GLY B 5 -5.29 -13.87 30.58
C GLY B 5 -4.33 -12.77 31.00
N ILE B 6 -3.54 -12.32 30.04
CA ILE B 6 -2.55 -11.28 30.26
C ILE B 6 -3.25 -9.98 30.62
N LEU B 7 -2.65 -9.20 31.52
CA LEU B 7 -3.25 -7.95 31.99
C LEU B 7 -3.19 -6.78 31.02
N ASN B 8 -2.09 -6.68 30.27
CA ASN B 8 -1.94 -5.58 29.32
C ASN B 8 -2.95 -5.67 28.19
N SER B 9 -3.75 -4.62 28.04
CA SER B 9 -4.77 -4.58 27.00
C SER B 9 -4.20 -4.67 25.58
N HIS B 10 -3.09 -3.97 25.32
CA HIS B 10 -2.47 -4.00 23.99
C HIS B 10 -1.99 -5.41 23.64
N LEU B 11 -1.34 -6.07 24.60
CA LEU B 11 -0.84 -7.42 24.37
C LEU B 11 -1.94 -8.47 24.25
N ALA B 12 -3.00 -8.30 25.04
CA ALA B 12 -4.12 -9.24 25.01
C ALA B 12 -4.70 -9.28 23.60
N LYS B 13 -4.74 -8.12 22.95
CA LYS B 13 -5.28 -8.04 21.58
C LYS B 13 -4.40 -8.78 20.57
N ILE B 14 -3.09 -8.70 20.74
CA ILE B 14 -2.16 -9.39 19.85
C ILE B 14 -2.20 -10.90 20.06
N LEU B 15 -2.27 -11.32 21.31
CA LEU B 15 -2.33 -12.75 21.60
C LEU B 15 -3.62 -13.36 21.06
N ALA B 16 -4.70 -12.59 21.13
CA ALA B 16 -6.01 -13.05 20.67
C ALA B 16 -6.01 -13.44 19.19
N ASP B 17 -5.18 -12.78 18.40
CA ASP B 17 -5.11 -13.06 16.97
C ASP B 17 -4.05 -14.06 16.54
N LEU B 18 -3.25 -14.56 17.48
CA LEU B 18 -2.19 -15.51 17.14
C LEU B 18 -2.69 -16.85 16.64
N GLY B 19 -2.09 -17.31 15.54
CA GLY B 19 -2.42 -18.59 14.97
C GLY B 19 -1.11 -19.37 14.99
N HIS B 20 -1.16 -20.67 14.70
CA HIS B 20 0.04 -21.49 14.69
C HIS B 20 1.15 -20.89 13.81
N THR B 21 2.34 -20.76 14.39
CA THR B 21 3.54 -20.22 13.74
C THR B 21 3.66 -18.69 13.67
N ASP B 22 2.66 -17.96 14.17
CA ASP B 22 2.77 -16.50 14.16
C ASP B 22 3.88 -16.13 15.15
N LYS B 23 4.54 -15.01 14.90
CA LYS B 23 5.64 -14.59 15.77
C LYS B 23 5.49 -13.20 16.37
N ILE B 24 5.98 -13.05 17.61
CA ILE B 24 5.98 -11.77 18.30
C ILE B 24 7.41 -11.61 18.80
N VAL B 25 7.86 -10.36 18.94
CA VAL B 25 9.22 -10.10 19.41
C VAL B 25 9.27 -9.34 20.73
N ILE B 26 10.19 -9.74 21.60
CA ILE B 26 10.41 -9.06 22.87
C ILE B 26 11.76 -8.41 22.63
N ALA B 27 11.84 -7.10 22.80
CA ALA B 27 13.09 -6.41 22.52
C ALA B 27 13.67 -5.56 23.64
N ASP B 28 14.97 -5.28 23.54
CA ASP B 28 15.61 -4.42 24.53
C ASP B 28 15.34 -3.01 24.04
N ALA B 29 15.79 -2.00 24.79
CA ALA B 29 15.54 -0.62 24.42
C ALA B 29 16.16 -0.14 23.10
N GLY B 30 17.08 -0.92 22.54
CA GLY B 30 17.73 -0.46 21.33
C GLY B 30 17.37 -1.11 20.01
N LEU B 31 16.67 -2.24 20.04
CA LEU B 31 16.31 -2.93 18.80
C LEU B 31 15.45 -2.04 17.89
N PRO B 32 15.86 -1.88 16.63
CA PRO B 32 15.02 -1.05 15.75
C PRO B 32 13.80 -1.86 15.34
N VAL B 33 12.69 -1.18 15.05
CA VAL B 33 11.46 -1.86 14.65
C VAL B 33 11.22 -1.65 13.16
N PRO B 34 11.07 -2.73 12.39
CA PRO B 34 10.83 -2.62 10.94
C PRO B 34 9.56 -1.82 10.69
N ASP B 35 9.53 -1.07 9.59
CA ASP B 35 8.34 -0.29 9.25
C ASP B 35 7.18 -1.26 9.02
N GLY B 36 5.99 -0.88 9.48
CA GLY B 36 4.84 -1.75 9.29
C GLY B 36 4.58 -2.72 10.42
N VAL B 37 5.55 -2.89 11.30
CA VAL B 37 5.36 -3.80 12.43
C VAL B 37 4.92 -3.01 13.65
N LEU B 38 3.84 -3.45 14.29
CA LEU B 38 3.32 -2.78 15.47
C LEU B 38 4.31 -2.79 16.64
N LYS B 39 4.47 -1.63 17.28
CA LYS B 39 5.35 -1.52 18.43
C LYS B 39 4.54 -1.20 19.68
N ILE B 40 4.68 -2.05 20.69
CA ILE B 40 4.02 -1.85 21.96
C ILE B 40 5.16 -1.61 22.94
N ASP B 41 5.31 -0.37 23.39
CA ASP B 41 6.39 0.02 24.29
C ASP B 41 5.93 -0.03 25.74
N LEU B 42 6.52 -0.93 26.52
CA LEU B 42 6.16 -1.07 27.93
C LEU B 42 7.21 -0.46 28.84
N SER B 43 8.30 0.02 28.28
CA SER B 43 9.38 0.60 29.07
C SER B 43 8.93 1.81 29.89
N LEU B 44 9.53 1.97 31.06
CA LEU B 44 9.24 3.10 31.95
C LEU B 44 10.55 3.86 32.15
N LYS B 45 11.61 3.13 32.50
CA LYS B 45 12.93 3.70 32.69
C LYS B 45 13.90 2.54 32.50
N PRO B 46 15.20 2.83 32.36
CA PRO B 46 16.16 1.75 32.17
C PRO B 46 16.00 0.61 33.18
N GLY B 47 15.89 -0.62 32.68
CA GLY B 47 15.73 -1.77 33.54
C GLY B 47 14.32 -2.05 34.01
N LEU B 48 13.35 -1.22 33.60
CA LEU B 48 11.97 -1.43 34.01
C LEU B 48 10.96 -1.23 32.86
N PRO B 49 10.29 -2.30 32.42
CA PRO B 49 10.43 -3.66 32.94
C PRO B 49 11.64 -4.34 32.33
N ALA B 50 12.16 -5.36 33.02
CA ALA B 50 13.31 -6.09 32.55
C ALA B 50 12.93 -7.13 31.50
N PHE B 51 13.92 -7.54 30.71
CA PHE B 51 13.72 -8.54 29.67
C PHE B 51 13.13 -9.80 30.30
N GLN B 52 13.75 -10.25 31.39
CA GLN B 52 13.32 -11.45 32.09
C GLN B 52 11.87 -11.43 32.56
N ASP B 53 11.46 -10.33 33.17
CA ASP B 53 10.09 -10.23 33.65
C ASP B 53 9.09 -10.30 32.51
N THR B 54 9.40 -9.62 31.41
CA THR B 54 8.51 -9.61 30.25
C THR B 54 8.40 -10.98 29.61
N ALA B 55 9.53 -11.64 29.38
CA ALA B 55 9.54 -12.97 28.78
C ALA B 55 8.76 -13.98 29.62
N ALA B 56 8.89 -13.87 30.94
CA ALA B 56 8.21 -14.78 31.85
C ALA B 56 6.69 -14.67 31.77
N VAL B 57 6.18 -13.45 31.70
CA VAL B 57 4.74 -13.26 31.61
C VAL B 57 4.22 -13.83 30.28
N LEU B 58 4.90 -13.51 29.18
CA LEU B 58 4.47 -14.01 27.87
C LEU B 58 4.47 -15.53 27.83
N ALA B 59 5.52 -16.13 28.38
CA ALA B 59 5.65 -17.58 28.40
C ALA B 59 4.46 -18.25 29.09
N GLU B 60 3.90 -17.56 30.07
CA GLU B 60 2.78 -18.09 30.83
C GLU B 60 1.42 -17.86 30.16
N GLU B 61 1.37 -16.91 29.23
CA GLU B 61 0.10 -16.59 28.56
C GLU B 61 -0.01 -17.00 27.09
N MET B 62 1.10 -17.47 26.54
CA MET B 62 1.19 -17.86 25.14
C MET B 62 1.81 -19.25 24.98
N ALA B 63 1.26 -20.04 24.08
CA ALA B 63 1.79 -21.37 23.80
C ALA B 63 2.94 -21.18 22.80
N VAL B 64 4.16 -21.32 23.29
CA VAL B 64 5.35 -21.13 22.46
C VAL B 64 5.92 -22.48 22.01
N GLU B 65 6.15 -22.63 20.71
CA GLU B 65 6.70 -23.89 20.22
C GLU B 65 8.17 -23.73 19.83
N LYS B 66 8.59 -22.49 19.60
CA LYS B 66 9.98 -22.24 19.24
C LYS B 66 10.43 -20.85 19.64
N VAL B 67 11.69 -20.74 20.02
CA VAL B 67 12.25 -19.45 20.41
C VAL B 67 13.46 -19.19 19.53
N ILE B 68 13.59 -17.95 19.07
CA ILE B 68 14.72 -17.58 18.23
C ILE B 68 15.43 -16.39 18.87
N ALA B 69 16.75 -16.48 18.96
CA ALA B 69 17.55 -15.40 19.55
C ALA B 69 18.86 -15.27 18.79
N ALA B 70 19.53 -14.12 18.96
CA ALA B 70 20.79 -13.90 18.28
C ALA B 70 21.91 -14.65 19.01
N ALA B 71 22.81 -15.24 18.24
CA ALA B 71 23.93 -15.99 18.80
C ALA B 71 24.78 -15.12 19.73
N GLU B 72 24.95 -13.85 19.35
CA GLU B 72 25.76 -12.92 20.14
C GLU B 72 25.35 -12.82 21.62
N ILE B 73 24.11 -13.18 21.94
CA ILE B 73 23.63 -13.09 23.31
C ILE B 73 24.38 -13.98 24.30
N LYS B 74 24.80 -15.15 23.85
CA LYS B 74 25.52 -16.09 24.71
C LYS B 74 26.82 -15.54 25.28
N ALA B 75 27.53 -14.75 24.48
CA ALA B 75 28.81 -14.19 24.92
C ALA B 75 28.71 -12.79 25.52
N SER B 76 27.83 -11.96 24.99
CA SER B 76 27.70 -10.59 25.47
C SER B 76 26.71 -10.38 26.60
N ASN B 77 25.81 -11.35 26.79
CA ASN B 77 24.78 -11.24 27.82
C ASN B 77 24.50 -12.61 28.42
N GLN B 78 25.50 -13.17 29.09
CA GLN B 78 25.40 -14.49 29.70
C GLN B 78 24.22 -14.70 30.64
N GLU B 79 23.99 -13.73 31.52
CA GLU B 79 22.89 -13.83 32.47
C GLU B 79 21.54 -14.09 31.81
N ASN B 80 21.19 -13.24 30.83
CA ASN B 80 19.92 -13.40 30.13
C ASN B 80 19.90 -14.63 29.24
N ALA B 81 21.04 -14.95 28.64
CA ALA B 81 21.14 -16.12 27.78
C ALA B 81 20.81 -17.38 28.59
N LYS B 82 21.32 -17.44 29.81
CA LYS B 82 21.05 -18.58 30.69
C LYS B 82 19.57 -18.64 31.02
N PHE B 83 19.01 -17.46 31.35
CA PHE B 83 17.60 -17.35 31.69
C PHE B 83 16.72 -17.90 30.58
N LEU B 84 17.02 -17.53 29.35
CA LEU B 84 16.27 -17.97 28.18
C LEU B 84 16.28 -19.49 28.06
N GLU B 85 17.44 -20.08 28.32
CA GLU B 85 17.60 -21.54 28.25
C GLU B 85 16.77 -22.25 29.29
N ASN B 86 16.70 -21.67 30.48
CA ASN B 86 15.93 -22.24 31.57
C ASN B 86 14.43 -22.11 31.37
N LEU B 87 13.98 -20.89 31.05
CA LEU B 87 12.57 -20.63 30.85
C LEU B 87 11.94 -21.46 29.72
N PHE B 88 12.66 -21.59 28.61
CA PHE B 88 12.15 -22.35 27.48
C PHE B 88 12.90 -23.66 27.26
N SER B 89 13.08 -24.44 28.32
CA SER B 89 13.78 -25.72 28.23
C SER B 89 13.04 -26.74 27.36
N GLU B 90 11.71 -26.72 27.44
CA GLU B 90 10.89 -27.64 26.65
C GLU B 90 10.96 -27.36 25.16
N GLN B 91 10.78 -26.09 24.80
CA GLN B 91 10.79 -25.67 23.40
C GLN B 91 12.15 -25.70 22.73
N GLU B 92 12.12 -25.59 21.40
CA GLU B 92 13.32 -25.57 20.58
C GLU B 92 13.87 -24.15 20.55
N ILE B 93 15.17 -24.00 20.82
CA ILE B 93 15.80 -22.68 20.78
C ILE B 93 16.80 -22.64 19.63
N GLU B 94 16.64 -21.66 18.76
CA GLU B 94 17.51 -21.52 17.60
C GLU B 94 18.27 -20.21 17.63
N TYR B 95 19.59 -20.27 17.45
CA TYR B 95 20.42 -19.07 17.46
C TYR B 95 20.91 -18.71 16.06
N LEU B 96 20.66 -17.47 15.66
CA LEU B 96 21.08 -16.96 14.36
C LEU B 96 21.92 -15.73 14.63
N SER B 97 22.65 -15.26 13.62
CA SER B 97 23.45 -14.06 13.80
C SER B 97 22.45 -12.94 14.05
N HIS B 98 22.89 -11.85 14.68
CA HIS B 98 21.98 -10.75 14.97
C HIS B 98 21.38 -10.15 13.70
N GLU B 99 22.19 -10.08 12.64
CA GLU B 99 21.73 -9.51 11.37
C GLU B 99 20.58 -10.33 10.82
N GLU B 100 20.71 -11.65 10.87
CA GLU B 100 19.68 -12.55 10.37
C GLU B 100 18.45 -12.47 11.27
N PHE B 101 18.67 -12.26 12.56
CA PHE B 101 17.60 -12.14 13.54
C PHE B 101 16.72 -10.95 13.16
N LYS B 102 17.37 -9.82 12.90
CA LYS B 102 16.66 -8.60 12.53
C LYS B 102 15.80 -8.77 11.29
N LEU B 103 16.30 -9.50 10.29
CA LEU B 103 15.51 -9.70 9.07
C LEU B 103 14.24 -10.45 9.41
N LEU B 104 14.35 -11.36 10.37
CA LEU B 104 13.20 -12.15 10.81
C LEU B 104 12.11 -11.32 11.48
N THR B 105 12.49 -10.23 12.15
CA THR B 105 11.49 -9.41 12.83
C THR B 105 10.50 -8.75 11.85
N LYS B 106 10.82 -8.78 10.56
CA LYS B 106 9.95 -8.20 9.53
C LYS B 106 8.60 -8.90 9.48
N ASP B 107 8.59 -10.19 9.80
CA ASP B 107 7.37 -11.00 9.77
C ASP B 107 6.60 -11.06 11.08
N ALA B 108 7.12 -10.37 12.10
CA ALA B 108 6.47 -10.38 13.40
C ALA B 108 5.16 -9.60 13.42
N LYS B 109 4.23 -10.05 14.25
CA LYS B 109 2.93 -9.40 14.39
C LYS B 109 3.11 -8.17 15.29
N ALA B 110 4.17 -8.17 16.09
CA ALA B 110 4.42 -7.05 16.99
C ALA B 110 5.78 -7.16 17.68
N VAL B 111 6.30 -6.00 18.05
CA VAL B 111 7.55 -5.92 18.78
C VAL B 111 7.20 -5.28 20.13
N ILE B 112 7.53 -5.99 21.20
CA ILE B 112 7.27 -5.50 22.56
C ILE B 112 8.60 -4.93 23.06
N ARG B 113 8.63 -3.62 23.27
CA ARG B 113 9.84 -2.97 23.74
C ARG B 113 9.86 -2.97 25.26
N THR B 114 10.94 -3.47 25.83
CA THR B 114 11.11 -3.51 27.28
C THR B 114 12.10 -2.42 27.66
N GLY B 115 12.36 -2.27 28.96
CA GLY B 115 13.32 -1.27 29.39
C GLY B 115 14.73 -1.82 29.52
N GLU B 116 14.92 -3.06 29.05
CA GLU B 116 16.22 -3.74 29.12
C GLU B 116 17.35 -2.94 28.46
N PHE B 117 18.42 -2.71 29.22
CA PHE B 117 19.58 -1.96 28.73
C PHE B 117 20.85 -2.79 28.62
N THR B 118 20.71 -4.05 28.18
CA THR B 118 21.86 -4.93 28.00
C THR B 118 21.78 -5.46 26.57
N PRO B 119 22.93 -5.58 25.90
CA PRO B 119 23.03 -6.07 24.52
C PRO B 119 22.41 -7.41 24.14
N TYR B 120 21.88 -7.44 22.93
CA TYR B 120 21.25 -8.62 22.35
C TYR B 120 20.19 -9.29 23.22
N ALA B 121 19.52 -8.50 24.03
CA ALA B 121 18.47 -9.04 24.89
C ALA B 121 17.14 -9.00 24.12
N ASN B 122 17.08 -9.77 23.03
CA ASN B 122 15.87 -9.86 22.20
C ASN B 122 15.59 -11.31 21.87
N CYS B 123 14.33 -11.61 21.55
CA CYS B 123 13.98 -12.96 21.17
C CYS B 123 12.63 -12.99 20.47
N ILE B 124 12.47 -13.96 19.58
CA ILE B 124 11.23 -14.13 18.85
C ILE B 124 10.52 -15.36 19.40
N LEU B 125 9.26 -15.20 19.77
CA LEU B 125 8.47 -16.32 20.28
C LEU B 125 7.53 -16.74 19.16
N GLN B 126 7.66 -17.99 18.72
CA GLN B 126 6.82 -18.53 17.65
C GLN B 126 5.68 -19.32 18.25
N ALA B 127 4.46 -18.87 17.96
CA ALA B 127 3.24 -19.49 18.47
C ALA B 127 3.06 -20.97 18.13
N GLY B 128 2.61 -21.73 19.11
CA GLY B 128 2.35 -23.15 18.92
C GLY B 128 0.86 -23.31 18.75
N VAL B 129 0.32 -24.49 19.02
CA VAL B 129 -1.10 -24.73 18.88
C VAL B 129 -1.61 -25.49 20.10
N LEU B 130 -2.86 -25.26 20.49
CA LEU B 130 -3.43 -25.90 21.67
C LEU B 130 -4.05 -27.28 21.46
N PHE B 131 -3.94 -27.83 20.26
CA PHE B 131 -4.51 -29.15 19.99
C PHE B 131 -3.78 -29.85 18.85
N MET C 1 -35.87 -6.53 9.24
CA MET C 1 -34.83 -7.60 9.18
C MET C 1 -34.76 -8.23 7.80
N LYS C 2 -33.61 -8.82 7.50
CA LYS C 2 -33.37 -9.50 6.23
C LYS C 2 -34.18 -10.80 6.28
N LYS C 3 -34.95 -11.07 5.24
CA LYS C 3 -35.78 -12.27 5.18
C LYS C 3 -35.04 -13.55 4.77
N HIS C 4 -34.24 -13.46 3.72
CA HIS C 4 -33.54 -14.62 3.20
C HIS C 4 -32.01 -14.53 3.28
N GLY C 5 -31.37 -15.68 3.12
CA GLY C 5 -29.92 -15.72 3.16
C GLY C 5 -29.35 -16.06 4.52
N ILE C 6 -28.03 -16.08 4.58
CA ILE C 6 -27.31 -16.39 5.82
C ILE C 6 -27.66 -15.35 6.89
N LEU C 7 -27.74 -15.79 8.14
CA LEU C 7 -28.11 -14.91 9.26
C LEU C 7 -27.02 -13.95 9.72
N ASN C 8 -25.77 -14.41 9.71
CA ASN C 8 -24.66 -13.59 10.15
C ASN C 8 -24.41 -12.40 9.22
N SER C 9 -24.46 -11.19 9.78
CA SER C 9 -24.27 -9.97 9.01
C SER C 9 -22.90 -9.84 8.35
N HIS C 10 -21.83 -10.18 9.06
CA HIS C 10 -20.50 -10.10 8.47
C HIS C 10 -20.40 -11.04 7.26
N LEU C 11 -20.85 -12.27 7.43
CA LEU C 11 -20.80 -13.25 6.36
C LEU C 11 -21.66 -12.88 5.16
N ALA C 12 -22.86 -12.36 5.43
CA ALA C 12 -23.75 -11.97 4.34
C ALA C 12 -23.02 -10.97 3.44
N LYS C 13 -22.25 -10.07 4.06
CA LYS C 13 -21.51 -9.06 3.30
C LYS C 13 -20.45 -9.68 2.43
N ILE C 14 -19.80 -10.75 2.92
CA ILE C 14 -18.78 -11.44 2.16
C ILE C 14 -19.42 -12.20 0.98
N LEU C 15 -20.51 -12.92 1.26
CA LEU C 15 -21.19 -13.68 0.21
C LEU C 15 -21.70 -12.77 -0.90
N ALA C 16 -22.23 -11.61 -0.51
CA ALA C 16 -22.76 -10.64 -1.46
C ALA C 16 -21.77 -10.23 -2.55
N ASP C 17 -20.49 -10.12 -2.19
CA ASP C 17 -19.47 -9.71 -3.16
C ASP C 17 -18.82 -10.84 -3.95
N LEU C 18 -19.14 -12.09 -3.61
CA LEU C 18 -18.54 -13.21 -4.31
C LEU C 18 -18.85 -13.28 -5.80
N GLY C 19 -17.80 -13.52 -6.57
CA GLY C 19 -17.91 -13.67 -8.02
C GLY C 19 -17.35 -15.05 -8.31
N HIS C 20 -17.54 -15.54 -9.53
CA HIS C 20 -17.05 -16.86 -9.92
C HIS C 20 -15.55 -17.03 -9.66
N THR C 21 -15.21 -18.09 -8.94
CA THR C 21 -13.84 -18.48 -8.57
C THR C 21 -13.31 -17.82 -7.28
N ASP C 22 -14.07 -16.89 -6.70
CA ASP C 22 -13.62 -16.27 -5.45
C ASP C 22 -13.59 -17.34 -4.36
N LYS C 23 -12.70 -17.16 -3.39
CA LYS C 23 -12.53 -18.14 -2.33
C LYS C 23 -12.68 -17.62 -0.92
N ILE C 24 -13.27 -18.44 -0.05
CA ILE C 24 -13.40 -18.11 1.36
C ILE C 24 -12.85 -19.32 2.09
N VAL C 25 -12.38 -19.13 3.31
CA VAL C 25 -11.79 -20.23 4.09
C VAL C 25 -12.55 -20.47 5.39
N ILE C 26 -12.76 -21.73 5.73
CA ILE C 26 -13.39 -22.09 6.99
C ILE C 26 -12.21 -22.69 7.73
N ALA C 27 -11.91 -22.17 8.92
CA ALA C 27 -10.74 -22.64 9.65
C ALA C 27 -10.99 -23.12 11.06
N ASP C 28 -10.04 -23.90 11.59
CA ASP C 28 -10.15 -24.36 12.96
C ASP C 28 -9.54 -23.23 13.78
N ALA C 29 -9.47 -23.40 15.10
CA ALA C 29 -8.95 -22.35 15.96
C ALA C 29 -7.46 -22.02 15.84
N GLY C 30 -6.68 -22.93 15.25
CA GLY C 30 -5.25 -22.67 15.15
C GLY C 30 -4.69 -22.15 13.84
N LEU C 31 -5.46 -22.21 12.77
CA LEU C 31 -4.96 -21.74 11.47
C LEU C 31 -4.55 -20.27 11.48
N PRO C 32 -3.34 -19.95 11.02
CA PRO C 32 -2.93 -18.54 11.01
C PRO C 32 -3.60 -17.84 9.82
N VAL C 33 -3.93 -16.57 9.99
CA VAL C 33 -4.57 -15.81 8.92
C VAL C 33 -3.54 -14.89 8.29
N PRO C 34 -3.34 -14.99 6.96
CA PRO C 34 -2.36 -14.13 6.29
C PRO C 34 -2.68 -12.64 6.49
N ASP C 35 -1.65 -11.80 6.45
CA ASP C 35 -1.87 -10.37 6.61
C ASP C 35 -2.67 -9.88 5.41
N GLY C 36 -3.64 -9.00 5.66
CA GLY C 36 -4.44 -8.48 4.58
C GLY C 36 -5.75 -9.21 4.33
N VAL C 37 -5.88 -10.42 4.86
CA VAL C 37 -7.11 -11.18 4.68
C VAL C 37 -8.03 -10.95 5.86
N LEU C 38 -9.28 -10.59 5.58
CA LEU C 38 -10.26 -10.34 6.62
C LEU C 38 -10.56 -11.58 7.46
N LYS C 39 -10.60 -11.42 8.78
CA LYS C 39 -10.91 -12.53 9.67
C LYS C 39 -12.25 -12.31 10.35
N ILE C 40 -13.14 -13.28 10.22
CA ILE C 40 -14.44 -13.22 10.87
C ILE C 40 -14.42 -14.38 11.88
N ASP C 41 -14.29 -14.04 13.15
CA ASP C 41 -14.20 -15.03 14.22
C ASP C 41 -15.57 -15.32 14.83
N LEU C 42 -16.04 -16.55 14.68
CA LEU C 42 -17.35 -16.95 15.21
C LEU C 42 -17.22 -17.80 16.46
N SER C 43 -16.00 -18.15 16.83
CA SER C 43 -15.78 -19.01 17.98
C SER C 43 -16.33 -18.43 19.28
N LEU C 44 -16.82 -19.31 20.14
CA LEU C 44 -17.37 -18.91 21.43
C LEU C 44 -16.51 -19.59 22.50
N LYS C 45 -16.30 -20.89 22.30
CA LYS C 45 -15.48 -21.71 23.19
C LYS C 45 -15.11 -22.95 22.38
N PRO C 46 -14.12 -23.73 22.85
CA PRO C 46 -13.73 -24.93 22.09
C PRO C 46 -14.91 -25.80 21.66
N GLY C 47 -14.99 -26.10 20.38
CA GLY C 47 -16.06 -26.93 19.86
C GLY C 47 -17.32 -26.20 19.48
N LEU C 48 -17.39 -24.91 19.78
CA LEU C 48 -18.57 -24.11 19.44
C LEU C 48 -18.16 -22.80 18.76
N PRO C 49 -18.49 -22.63 17.47
CA PRO C 49 -19.22 -23.59 16.64
C PRO C 49 -18.27 -24.64 16.08
N ALA C 50 -18.82 -25.76 15.65
CA ALA C 50 -18.01 -26.84 15.10
C ALA C 50 -17.76 -26.63 13.62
N PHE C 51 -16.67 -27.21 13.12
CA PHE C 51 -16.31 -27.13 11.73
C PHE C 51 -17.50 -27.59 10.88
N GLN C 52 -18.07 -28.72 11.26
CA GLN C 52 -19.21 -29.30 10.55
C GLN C 52 -20.42 -28.38 10.45
N ASP C 53 -20.80 -27.76 11.58
CA ASP C 53 -21.93 -26.85 11.59
C ASP C 53 -21.72 -25.65 10.66
N THR C 54 -20.53 -25.07 10.71
CA THR C 54 -20.21 -23.92 9.89
C THR C 54 -20.18 -24.26 8.41
N ALA C 55 -19.54 -25.38 8.07
CA ALA C 55 -19.46 -25.82 6.67
C ALA C 55 -20.85 -26.11 6.11
N ALA C 56 -21.70 -26.72 6.93
CA ALA C 56 -23.06 -27.04 6.49
C ALA C 56 -23.83 -25.77 6.12
N VAL C 57 -23.75 -24.75 6.96
CA VAL C 57 -24.45 -23.49 6.69
C VAL C 57 -23.94 -22.83 5.41
N LEU C 58 -22.63 -22.73 5.25
CA LEU C 58 -22.07 -22.13 4.05
C LEU C 58 -22.44 -22.88 2.78
N ALA C 59 -22.49 -24.21 2.88
CA ALA C 59 -22.84 -25.05 1.73
C ALA C 59 -24.25 -24.74 1.25
N GLU C 60 -25.11 -24.36 2.19
CA GLU C 60 -26.50 -24.04 1.93
C GLU C 60 -26.73 -22.62 1.41
N GLU C 61 -25.82 -21.71 1.72
CA GLU C 61 -25.99 -20.32 1.31
C GLU C 61 -25.08 -19.87 0.17
N MET C 62 -24.12 -20.70 -0.17
CA MET C 62 -23.16 -20.37 -1.21
C MET C 62 -23.08 -21.42 -2.31
N ALA C 63 -22.92 -20.99 -3.55
CA ALA C 63 -22.79 -21.92 -4.66
C ALA C 63 -21.33 -22.35 -4.72
N VAL C 64 -21.05 -23.57 -4.24
CA VAL C 64 -19.70 -24.09 -4.22
C VAL C 64 -19.39 -24.93 -5.46
N GLU C 65 -18.32 -24.54 -6.14
CA GLU C 65 -17.86 -25.20 -7.36
C GLU C 65 -16.73 -26.19 -7.09
N LYS C 66 -15.87 -25.85 -6.13
CA LYS C 66 -14.74 -26.70 -5.80
C LYS C 66 -14.38 -26.54 -4.33
N VAL C 67 -13.89 -27.62 -3.72
CA VAL C 67 -13.49 -27.60 -2.32
C VAL C 67 -12.04 -28.05 -2.22
N ILE C 68 -11.26 -27.34 -1.40
CA ILE C 68 -9.84 -27.67 -1.23
C ILE C 68 -9.53 -27.87 0.25
N ALA C 69 -8.79 -28.93 0.55
CA ALA C 69 -8.42 -29.24 1.92
C ALA C 69 -7.02 -29.82 1.92
N ALA C 70 -6.45 -29.96 3.10
CA ALA C 70 -5.11 -30.50 3.21
C ALA C 70 -5.17 -32.01 3.36
N ALA C 71 -4.28 -32.71 2.67
CA ALA C 71 -4.23 -34.16 2.72
C ALA C 71 -4.10 -34.67 4.16
N GLU C 72 -3.39 -33.92 5.00
CA GLU C 72 -3.20 -34.30 6.40
C GLU C 72 -4.51 -34.54 7.14
N ILE C 73 -5.60 -33.98 6.63
CA ILE C 73 -6.89 -34.15 7.30
C ILE C 73 -7.37 -35.59 7.27
N LYS C 74 -6.95 -36.34 6.26
CA LYS C 74 -7.35 -37.74 6.13
C LYS C 74 -6.63 -38.60 7.15
N ALA C 75 -5.44 -38.17 7.54
CA ALA C 75 -4.64 -38.91 8.51
C ALA C 75 -4.99 -38.62 9.96
N SER C 76 -5.17 -37.35 10.29
CA SER C 76 -5.44 -36.95 11.68
C SER C 76 -6.85 -36.56 12.03
N ASN C 77 -7.76 -36.55 11.06
CA ASN C 77 -9.13 -36.12 11.34
C ASN C 77 -10.12 -36.80 10.39
N GLN C 78 -10.07 -38.12 10.34
CA GLN C 78 -10.94 -38.90 9.46
C GLN C 78 -12.41 -38.56 9.62
N GLU C 79 -12.83 -38.23 10.83
CA GLU C 79 -14.22 -37.89 11.08
C GLU C 79 -14.66 -36.69 10.23
N ASN C 80 -13.92 -35.59 10.33
CA ASN C 80 -14.27 -34.40 9.55
C ASN C 80 -13.99 -34.59 8.07
N ALA C 81 -12.97 -35.37 7.76
CA ALA C 81 -12.62 -35.64 6.37
C ALA C 81 -13.80 -36.33 5.66
N LYS C 82 -14.39 -37.33 6.31
CA LYS C 82 -15.52 -38.03 5.73
C LYS C 82 -16.72 -37.09 5.58
N PHE C 83 -16.91 -36.25 6.59
CA PHE C 83 -18.01 -35.28 6.56
C PHE C 83 -17.94 -34.46 5.28
N LEU C 84 -16.76 -33.90 5.03
CA LEU C 84 -16.52 -33.06 3.86
C LEU C 84 -16.82 -33.77 2.55
N GLU C 85 -16.41 -35.03 2.44
CA GLU C 85 -16.64 -35.83 1.24
C GLU C 85 -18.13 -36.01 0.98
N ASN C 86 -18.89 -36.23 2.05
CA ASN C 86 -20.34 -36.43 1.95
C ASN C 86 -21.11 -35.14 1.70
N LEU C 87 -20.75 -34.08 2.40
CA LEU C 87 -21.43 -32.80 2.22
C LEU C 87 -21.27 -32.29 0.79
N PHE C 88 -20.07 -32.41 0.24
CA PHE C 88 -19.82 -31.95 -1.12
C PHE C 88 -19.66 -33.08 -2.14
N SER C 89 -20.66 -33.97 -2.15
CA SER C 89 -20.66 -35.12 -3.07
C SER C 89 -20.53 -34.71 -4.52
N GLU C 90 -21.36 -33.75 -4.93
CA GLU C 90 -21.39 -33.28 -6.29
C GLU C 90 -20.21 -32.42 -6.72
N GLN C 91 -19.53 -31.79 -5.77
CA GLN C 91 -18.41 -30.93 -6.11
C GLN C 91 -17.05 -31.63 -6.13
N GLU C 92 -16.10 -30.99 -6.80
CA GLU C 92 -14.74 -31.48 -6.91
C GLU C 92 -14.00 -31.20 -5.61
N ILE C 93 -13.33 -32.20 -5.04
CA ILE C 93 -12.58 -32.02 -3.80
C ILE C 93 -11.11 -32.30 -4.04
N GLU C 94 -10.28 -31.26 -3.94
CA GLU C 94 -8.85 -31.42 -4.15
C GLU C 94 -8.04 -31.39 -2.86
N TYR C 95 -7.10 -32.33 -2.72
CA TYR C 95 -6.25 -32.39 -1.55
C TYR C 95 -4.83 -31.95 -1.88
N LEU C 96 -4.32 -31.02 -1.09
CA LEU C 96 -2.98 -30.50 -1.28
C LEU C 96 -2.30 -30.68 0.06
N SER C 97 -0.99 -30.46 0.11
CA SER C 97 -0.28 -30.56 1.37
C SER C 97 -0.74 -29.36 2.18
N HIS C 98 -0.72 -29.49 3.51
CA HIS C 98 -1.13 -28.40 4.36
C HIS C 98 -0.33 -27.13 4.05
N GLU C 99 0.95 -27.26 3.69
CA GLU C 99 1.79 -26.12 3.38
C GLU C 99 1.29 -25.35 2.16
N GLU C 100 0.89 -26.08 1.12
CA GLU C 100 0.37 -25.45 -0.09
C GLU C 100 -0.99 -24.85 0.23
N PHE C 101 -1.76 -25.56 1.06
CA PHE C 101 -3.08 -25.08 1.44
C PHE C 101 -2.93 -23.67 2.02
N LYS C 102 -2.02 -23.51 2.97
CA LYS C 102 -1.79 -22.21 3.60
C LYS C 102 -1.45 -21.10 2.61
N LEU C 103 -0.65 -21.42 1.59
CA LEU C 103 -0.27 -20.41 0.60
C LEU C 103 -1.50 -19.94 -0.17
N LEU C 104 -2.43 -20.85 -0.42
CA LEU C 104 -3.64 -20.50 -1.14
C LEU C 104 -4.57 -19.61 -0.32
N THR C 105 -4.51 -19.69 1.00
CA THR C 105 -5.39 -18.87 1.84
C THR C 105 -5.11 -17.37 1.69
N LYS C 106 -3.94 -17.03 1.17
CA LYS C 106 -3.58 -15.63 0.99
C LYS C 106 -4.42 -14.95 -0.09
N ASP C 107 -5.04 -15.75 -0.95
CA ASP C 107 -5.87 -15.20 -2.02
C ASP C 107 -7.35 -15.18 -1.64
N ALA C 108 -7.66 -15.64 -0.45
CA ALA C 108 -9.06 -15.70 0.00
C ALA C 108 -9.65 -14.33 0.32
N LYS C 109 -10.97 -14.21 0.18
CA LYS C 109 -11.67 -12.98 0.48
C LYS C 109 -11.88 -12.86 1.99
N ALA C 110 -11.82 -13.99 2.68
CA ALA C 110 -11.99 -14.00 4.13
C ALA C 110 -11.71 -15.37 4.71
N VAL C 111 -11.36 -15.37 5.99
CA VAL C 111 -11.12 -16.59 6.74
C VAL C 111 -12.16 -16.56 7.85
N ILE C 112 -12.93 -17.64 7.95
CA ILE C 112 -13.95 -17.73 8.99
C ILE C 112 -13.40 -18.66 10.06
N ARG C 113 -13.16 -18.11 11.25
CA ARG C 113 -12.62 -18.89 12.33
C ARG C 113 -13.73 -19.54 13.14
N THR C 114 -13.63 -20.86 13.32
CA THR C 114 -14.63 -21.61 14.08
C THR C 114 -14.01 -21.97 15.43
N GLY C 115 -14.76 -22.70 16.26
CA GLY C 115 -14.23 -23.10 17.54
C GLY C 115 -13.65 -24.51 17.49
N GLU C 116 -13.50 -25.06 16.28
CA GLU C 116 -12.99 -26.42 16.11
C GLU C 116 -11.59 -26.65 16.67
N PHE C 117 -11.48 -27.60 17.60
CA PHE C 117 -10.21 -27.92 18.23
C PHE C 117 -9.65 -29.27 17.80
N THR C 118 -9.77 -29.58 16.51
CA THR C 118 -9.22 -30.83 15.98
C THR C 118 -8.30 -30.45 14.82
N PRO C 119 -7.22 -31.21 14.62
CA PRO C 119 -6.22 -31.01 13.57
C PRO C 119 -6.70 -30.94 12.13
N TYR C 120 -6.15 -29.98 11.40
CA TYR C 120 -6.44 -29.78 9.99
C TYR C 120 -7.90 -29.68 9.56
N ALA C 121 -8.76 -29.19 10.46
CA ALA C 121 -10.17 -29.04 10.10
C ALA C 121 -10.34 -27.69 9.40
N ASN C 122 -9.76 -27.57 8.21
CA ASN C 122 -9.83 -26.34 7.42
C ASN C 122 -10.19 -26.71 5.97
N CYS C 123 -10.81 -25.77 5.26
CA CYS C 123 -11.13 -25.99 3.85
C CYS C 123 -11.39 -24.67 3.13
N ILE C 124 -11.13 -24.66 1.84
CA ILE C 124 -11.34 -23.49 1.01
C ILE C 124 -12.51 -23.80 0.09
N LEU C 125 -13.51 -22.92 0.09
CA LEU C 125 -14.66 -23.09 -0.78
C LEU C 125 -14.49 -22.12 -1.96
N GLN C 126 -14.51 -22.65 -3.17
CA GLN C 126 -14.37 -21.83 -4.37
C GLN C 126 -15.75 -21.61 -4.94
N ALA C 127 -16.12 -20.34 -5.07
CA ALA C 127 -17.44 -19.94 -5.57
C ALA C 127 -17.72 -20.38 -7.01
N GLY C 128 -18.95 -20.79 -7.25
CA GLY C 128 -19.34 -21.18 -8.60
C GLY C 128 -20.17 -20.08 -9.22
N VAL C 129 -20.99 -20.41 -10.20
CA VAL C 129 -21.85 -19.43 -10.87
C VAL C 129 -23.29 -19.92 -10.86
N LEU C 130 -24.24 -18.99 -10.85
CA LEU C 130 -25.65 -19.36 -10.84
C LEU C 130 -26.26 -19.46 -12.23
N PHE C 131 -25.42 -19.45 -13.26
CA PHE C 131 -25.88 -19.54 -14.64
C PHE C 131 -24.74 -19.90 -15.59
N MET D 1 -30.43 20.18 -9.70
CA MET D 1 -30.02 18.86 -10.27
C MET D 1 -29.15 19.02 -11.50
N LYS D 2 -28.33 18.01 -11.76
CA LYS D 2 -27.44 18.01 -12.92
C LYS D 2 -28.35 17.90 -14.15
N LYS D 3 -28.15 18.78 -15.12
CA LYS D 3 -28.98 18.78 -16.32
C LYS D 3 -28.55 17.83 -17.44
N HIS D 4 -27.26 17.68 -17.65
CA HIS D 4 -26.76 16.84 -18.72
C HIS D 4 -25.92 15.66 -18.25
N GLY D 5 -25.69 14.71 -19.15
CA GLY D 5 -24.87 13.54 -18.82
C GLY D 5 -25.63 12.38 -18.20
N ILE D 6 -24.89 11.37 -17.81
CA ILE D 6 -25.46 10.15 -17.23
C ILE D 6 -26.18 10.42 -15.90
N LEU D 7 -27.32 9.77 -15.73
CA LEU D 7 -28.13 9.94 -14.53
C LEU D 7 -27.53 9.39 -13.23
N ASN D 8 -26.86 8.26 -13.31
CA ASN D 8 -26.28 7.63 -12.12
C ASN D 8 -25.13 8.45 -11.54
N SER D 9 -25.25 8.81 -10.27
CA SER D 9 -24.23 9.61 -9.60
C SER D 9 -22.88 8.91 -9.48
N HIS D 10 -22.88 7.63 -9.13
CA HIS D 10 -21.62 6.89 -9.03
C HIS D 10 -20.92 6.85 -10.38
N LEU D 11 -21.69 6.58 -11.43
CA LEU D 11 -21.13 6.48 -12.77
C LEU D 11 -20.63 7.82 -13.32
N ALA D 12 -21.35 8.90 -13.00
CA ALA D 12 -20.95 10.23 -13.46
C ALA D 12 -19.55 10.54 -12.93
N LYS D 13 -19.30 10.19 -11.68
CA LYS D 13 -17.98 10.45 -11.10
C LYS D 13 -16.89 9.68 -11.82
N ILE D 14 -17.16 8.44 -12.21
CA ILE D 14 -16.16 7.65 -12.95
C ILE D 14 -15.93 8.26 -14.34
N LEU D 15 -17.01 8.58 -15.05
CA LEU D 15 -16.86 9.17 -16.39
C LEU D 15 -16.10 10.48 -16.35
N ALA D 16 -16.36 11.28 -15.31
CA ALA D 16 -15.70 12.57 -15.16
C ALA D 16 -14.18 12.47 -15.14
N ASP D 17 -13.64 11.39 -14.59
CA ASP D 17 -12.19 11.21 -14.52
C ASP D 17 -11.54 10.48 -15.68
N LEU D 18 -12.32 9.97 -16.62
CA LEU D 18 -11.75 9.22 -17.74
C LEU D 18 -10.87 10.06 -18.63
N GLY D 19 -9.72 9.49 -18.99
CA GLY D 19 -8.78 10.13 -19.89
C GLY D 19 -8.62 9.15 -21.03
N HIS D 20 -7.95 9.56 -22.11
CA HIS D 20 -7.73 8.67 -23.25
C HIS D 20 -7.07 7.35 -22.87
N THR D 21 -7.71 6.25 -23.26
CA THR D 21 -7.29 4.86 -23.03
C THR D 21 -7.70 4.28 -21.67
N ASP D 22 -8.34 5.07 -20.81
CA ASP D 22 -8.79 4.53 -19.52
C ASP D 22 -9.90 3.51 -19.81
N LYS D 23 -9.99 2.48 -18.98
CA LYS D 23 -10.98 1.42 -19.19
C LYS D 23 -11.97 1.24 -18.05
N ILE D 24 -13.20 0.87 -18.43
CA ILE D 24 -14.24 0.56 -17.45
C ILE D 24 -14.83 -0.77 -17.89
N VAL D 25 -15.37 -1.53 -16.94
CA VAL D 25 -15.93 -2.83 -17.29
C VAL D 25 -17.43 -2.93 -17.00
N ILE D 26 -18.15 -3.54 -17.94
CA ILE D 26 -19.58 -3.78 -17.76
C ILE D 26 -19.59 -5.28 -17.57
N ALA D 27 -20.16 -5.75 -16.46
CA ALA D 27 -20.14 -7.16 -16.17
C ALA D 27 -21.49 -7.81 -15.89
N ASP D 28 -21.55 -9.13 -16.08
CA ASP D 28 -22.77 -9.87 -15.77
C ASP D 28 -22.70 -10.11 -14.27
N ALA D 29 -23.74 -10.72 -13.71
CA ALA D 29 -23.81 -10.96 -12.28
C ALA D 29 -22.76 -11.90 -11.68
N GLY D 30 -22.00 -12.60 -12.51
CA GLY D 30 -21.04 -13.54 -11.97
C GLY D 30 -19.56 -13.22 -12.09
N LEU D 31 -19.21 -12.18 -12.83
CA LEU D 31 -17.80 -11.85 -12.99
C LEU D 31 -17.13 -11.48 -11.67
N PRO D 32 -15.94 -12.03 -11.40
CA PRO D 32 -15.28 -11.67 -10.14
C PRO D 32 -14.64 -10.30 -10.36
N VAL D 33 -14.59 -9.48 -9.31
CA VAL D 33 -13.98 -8.16 -9.41
C VAL D 33 -12.61 -8.19 -8.71
N PRO D 34 -11.54 -7.84 -9.43
CA PRO D 34 -10.19 -7.84 -8.84
C PRO D 34 -10.09 -6.92 -7.63
N ASP D 35 -9.23 -7.25 -6.68
CA ASP D 35 -9.06 -6.42 -5.50
C ASP D 35 -8.51 -5.07 -5.96
N GLY D 36 -8.98 -3.99 -5.34
CA GLY D 36 -8.49 -2.67 -5.70
C GLY D 36 -9.29 -1.97 -6.79
N VAL D 37 -10.19 -2.70 -7.45
CA VAL D 37 -11.00 -2.09 -8.49
C VAL D 37 -12.37 -1.75 -7.93
N LEU D 38 -12.78 -0.50 -8.09
CA LEU D 38 -14.07 -0.04 -7.61
C LEU D 38 -15.24 -0.78 -8.27
N LYS D 39 -16.18 -1.25 -7.46
CA LYS D 39 -17.34 -1.94 -7.99
C LYS D 39 -18.62 -1.14 -7.78
N ILE D 40 -19.32 -0.84 -8.88
CA ILE D 40 -20.58 -0.12 -8.82
C ILE D 40 -21.63 -1.14 -9.26
N ASP D 41 -22.43 -1.61 -8.30
CA ASP D 41 -23.43 -2.63 -8.54
C ASP D 41 -24.79 -2.02 -8.81
N LEU D 42 -25.29 -2.21 -10.03
CA LEU D 42 -26.58 -1.68 -10.43
C LEU D 42 -27.70 -2.72 -10.44
N SER D 43 -27.35 -3.97 -10.14
CA SER D 43 -28.34 -5.06 -10.17
C SER D 43 -29.48 -4.88 -9.16
N LEU D 44 -30.66 -5.33 -9.54
CA LEU D 44 -31.84 -5.25 -8.68
C LEU D 44 -32.36 -6.68 -8.51
N LYS D 45 -32.38 -7.42 -9.61
CA LYS D 45 -32.82 -8.79 -9.63
C LYS D 45 -32.34 -9.39 -10.95
N PRO D 46 -32.34 -10.72 -11.09
CA PRO D 46 -31.90 -11.34 -12.34
C PRO D 46 -32.51 -10.69 -13.58
N GLY D 47 -31.66 -10.23 -14.49
CA GLY D 47 -32.13 -9.60 -15.71
C GLY D 47 -32.40 -8.11 -15.62
N LEU D 48 -32.34 -7.53 -14.43
CA LEU D 48 -32.58 -6.09 -14.27
C LEU D 48 -31.48 -5.43 -13.45
N PRO D 49 -30.69 -4.53 -14.07
CA PRO D 49 -30.80 -4.13 -15.49
C PRO D 49 -30.05 -5.12 -16.37
N ALA D 50 -30.39 -5.13 -17.65
CA ALA D 50 -29.75 -6.03 -18.60
C ALA D 50 -28.44 -5.47 -19.11
N PHE D 51 -27.59 -6.36 -19.61
CA PHE D 51 -26.31 -6.01 -20.18
C PHE D 51 -26.52 -5.01 -21.32
N GLN D 52 -27.52 -5.30 -22.14
CA GLN D 52 -27.84 -4.46 -23.29
C GLN D 52 -28.27 -3.05 -22.89
N ASP D 53 -29.14 -2.96 -21.89
CA ASP D 53 -29.58 -1.64 -21.44
C ASP D 53 -28.42 -0.81 -20.91
N THR D 54 -27.55 -1.45 -20.13
CA THR D 54 -26.41 -0.80 -19.54
C THR D 54 -25.41 -0.33 -20.58
N ALA D 55 -24.99 -1.25 -21.46
CA ALA D 55 -24.04 -0.93 -22.51
C ALA D 55 -24.52 0.20 -23.43
N ALA D 56 -25.82 0.24 -23.68
CA ALA D 56 -26.40 1.27 -24.56
C ALA D 56 -26.30 2.66 -23.92
N VAL D 57 -26.63 2.73 -22.64
CA VAL D 57 -26.55 4.00 -21.93
C VAL D 57 -25.11 4.49 -21.91
N LEU D 58 -24.17 3.59 -21.58
CA LEU D 58 -22.75 3.99 -21.54
C LEU D 58 -22.24 4.47 -22.90
N ALA D 59 -22.67 3.82 -23.97
CA ALA D 59 -22.26 4.18 -25.33
C ALA D 59 -22.66 5.61 -25.67
N GLU D 60 -23.79 6.04 -25.10
CA GLU D 60 -24.34 7.37 -25.32
C GLU D 60 -23.63 8.47 -24.52
N GLU D 61 -23.07 8.11 -23.37
CA GLU D 61 -22.41 9.09 -22.49
C GLU D 61 -20.90 9.09 -22.48
N MET D 62 -20.29 8.08 -23.11
CA MET D 62 -18.84 7.95 -23.15
C MET D 62 -18.31 7.77 -24.56
N ALA D 63 -17.18 8.40 -24.85
CA ALA D 63 -16.56 8.29 -26.16
C ALA D 63 -15.69 7.04 -26.11
N VAL D 64 -16.13 5.99 -26.80
CA VAL D 64 -15.42 4.72 -26.82
C VAL D 64 -14.65 4.53 -28.11
N GLU D 65 -13.35 4.24 -28.01
CA GLU D 65 -12.55 4.03 -29.20
C GLU D 65 -12.33 2.54 -29.46
N LYS D 66 -12.45 1.72 -28.42
CA LYS D 66 -12.25 0.29 -28.57
C LYS D 66 -13.04 -0.51 -27.55
N VAL D 67 -13.52 -1.68 -27.98
CA VAL D 67 -14.29 -2.56 -27.11
C VAL D 67 -13.56 -3.88 -27.05
N ILE D 68 -13.50 -4.47 -25.86
CA ILE D 68 -12.83 -5.75 -25.67
C ILE D 68 -13.80 -6.71 -25.02
N ALA D 69 -13.86 -7.93 -25.53
CA ALA D 69 -14.77 -8.94 -24.99
C ALA D 69 -14.14 -10.31 -25.06
N ALA D 70 -14.75 -11.28 -24.40
CA ALA D 70 -14.23 -12.64 -24.40
C ALA D 70 -14.78 -13.40 -25.61
N ALA D 71 -13.90 -14.09 -26.34
CA ALA D 71 -14.29 -14.85 -27.52
C ALA D 71 -15.43 -15.82 -27.21
N GLU D 72 -15.48 -16.32 -25.98
CA GLU D 72 -16.53 -17.27 -25.61
C GLU D 72 -17.94 -16.69 -25.74
N ILE D 73 -18.05 -15.37 -25.79
CA ILE D 73 -19.37 -14.74 -25.91
C ILE D 73 -20.06 -15.10 -27.23
N LYS D 74 -19.28 -15.17 -28.30
CA LYS D 74 -19.83 -15.50 -29.62
C LYS D 74 -20.53 -16.86 -29.66
N ALA D 75 -19.91 -17.85 -29.03
CA ALA D 75 -20.47 -19.20 -29.02
C ALA D 75 -21.53 -19.45 -27.96
N SER D 76 -21.36 -18.85 -26.79
CA SER D 76 -22.30 -19.06 -25.69
C SER D 76 -23.38 -18.02 -25.50
N ASN D 77 -23.23 -16.86 -26.14
CA ASN D 77 -24.21 -15.79 -25.96
C ASN D 77 -24.35 -14.99 -27.25
N GLN D 78 -24.88 -15.63 -28.29
CA GLN D 78 -25.05 -15.00 -29.60
C GLN D 78 -25.85 -13.71 -29.60
N GLU D 79 -26.96 -13.67 -28.89
CA GLU D 79 -27.78 -12.46 -28.88
C GLU D 79 -26.95 -11.26 -28.43
N ASN D 80 -26.29 -11.38 -27.29
CA ASN D 80 -25.49 -10.28 -26.77
C ASN D 80 -24.26 -10.00 -27.61
N ALA D 81 -23.65 -11.03 -28.18
CA ALA D 81 -22.48 -10.84 -29.01
C ALA D 81 -22.85 -9.97 -30.22
N LYS D 82 -24.00 -10.27 -30.81
CA LYS D 82 -24.48 -9.52 -31.98
C LYS D 82 -24.82 -8.09 -31.58
N PHE D 83 -25.44 -7.94 -30.42
CA PHE D 83 -25.82 -6.63 -29.91
C PHE D 83 -24.59 -5.73 -29.86
N LEU D 84 -23.49 -6.27 -29.34
CA LEU D 84 -22.24 -5.51 -29.24
C LEU D 84 -21.73 -5.08 -30.59
N GLU D 85 -21.71 -6.03 -31.53
CA GLU D 85 -21.23 -5.75 -32.88
C GLU D 85 -22.00 -4.59 -33.48
N ASN D 86 -23.33 -4.61 -33.31
CA ASN D 86 -24.19 -3.57 -33.85
C ASN D 86 -24.03 -2.24 -33.12
N LEU D 87 -24.07 -2.26 -31.80
CA LEU D 87 -23.95 -1.03 -31.01
C LEU D 87 -22.63 -0.32 -31.27
N PHE D 88 -21.53 -1.06 -31.27
CA PHE D 88 -20.22 -0.47 -31.48
C PHE D 88 -19.65 -0.76 -32.86
N SER D 89 -20.52 -0.72 -33.85
CA SER D 89 -20.14 -0.99 -35.24
C SER D 89 -19.01 -0.11 -35.76
N GLU D 90 -18.89 1.10 -35.24
CA GLU D 90 -17.84 2.01 -35.68
C GLU D 90 -16.53 1.90 -34.91
N GLN D 91 -16.55 1.23 -33.76
CA GLN D 91 -15.35 1.06 -32.97
C GLN D 91 -14.66 -0.26 -33.28
N GLU D 92 -13.41 -0.37 -32.85
CA GLU D 92 -12.64 -1.59 -33.04
C GLU D 92 -13.07 -2.55 -31.94
N ILE D 93 -13.38 -3.79 -32.29
CA ILE D 93 -13.79 -4.78 -31.31
C ILE D 93 -12.76 -5.92 -31.27
N GLU D 94 -12.21 -6.17 -30.09
CA GLU D 94 -11.19 -7.20 -29.93
C GLU D 94 -11.65 -8.33 -29.02
N TYR D 95 -11.44 -9.57 -29.49
CA TYR D 95 -11.82 -10.75 -28.72
C TYR D 95 -10.61 -11.49 -28.18
N LEU D 96 -10.60 -11.73 -26.88
CA LEU D 96 -9.52 -12.43 -26.22
C LEU D 96 -10.20 -13.59 -25.49
N SER D 97 -9.41 -14.51 -24.97
CA SER D 97 -10.00 -15.62 -24.24
C SER D 97 -10.52 -15.02 -22.94
N HIS D 98 -11.49 -15.65 -22.31
CA HIS D 98 -12.04 -15.15 -21.07
C HIS D 98 -10.94 -15.01 -20.02
N GLU D 99 -9.96 -15.90 -20.05
CA GLU D 99 -8.86 -15.82 -19.09
C GLU D 99 -8.07 -14.54 -19.22
N GLU D 100 -7.71 -14.19 -20.45
CA GLU D 100 -6.96 -12.98 -20.70
C GLU D 100 -7.83 -11.78 -20.39
N PHE D 101 -9.13 -11.91 -20.67
CA PHE D 101 -10.09 -10.85 -20.42
C PHE D 101 -10.06 -10.48 -18.94
N LYS D 102 -10.18 -11.48 -18.08
CA LYS D 102 -10.16 -11.27 -16.64
C LYS D 102 -8.89 -10.53 -16.19
N LEU D 103 -7.76 -10.90 -16.78
CA LEU D 103 -6.50 -10.26 -16.44
C LEU D 103 -6.54 -8.77 -16.75
N LEU D 104 -7.18 -8.42 -17.85
CA LEU D 104 -7.27 -7.02 -18.24
C LEU D 104 -8.15 -6.19 -17.32
N THR D 105 -9.11 -6.83 -16.66
CA THR D 105 -9.99 -6.08 -15.76
C THR D 105 -9.24 -5.49 -14.58
N LYS D 106 -8.03 -5.97 -14.32
CA LYS D 106 -7.22 -5.46 -13.22
C LYS D 106 -6.84 -3.99 -13.41
N ASP D 107 -6.78 -3.56 -14.67
CA ASP D 107 -6.42 -2.17 -14.98
C ASP D 107 -7.61 -1.23 -15.11
N ALA D 108 -8.82 -1.75 -14.95
CA ALA D 108 -10.02 -0.94 -15.08
C ALA D 108 -10.23 0.04 -13.91
N LYS D 109 -10.83 1.18 -14.20
CA LYS D 109 -11.12 2.20 -13.20
C LYS D 109 -12.33 1.76 -12.40
N ALA D 110 -13.15 0.88 -12.98
CA ALA D 110 -14.33 0.42 -12.28
C ALA D 110 -14.99 -0.73 -13.02
N VAL D 111 -15.79 -1.49 -12.28
CA VAL D 111 -16.54 -2.60 -12.83
C VAL D 111 -17.99 -2.28 -12.49
N ILE D 112 -18.83 -2.23 -13.52
CA ILE D 112 -20.24 -1.95 -13.36
C ILE D 112 -20.96 -3.29 -13.43
N ARG D 113 -21.54 -3.70 -12.32
CA ARG D 113 -22.23 -4.97 -12.25
C ARG D 113 -23.69 -4.83 -12.65
N THR D 114 -24.10 -5.59 -13.66
CA THR D 114 -25.49 -5.56 -14.11
C THR D 114 -26.21 -6.77 -13.54
N GLY D 115 -27.50 -6.90 -13.86
CA GLY D 115 -28.27 -8.04 -13.36
C GLY D 115 -28.30 -9.16 -14.39
N GLU D 116 -27.45 -9.07 -15.40
CA GLU D 116 -27.39 -10.07 -16.48
C GLU D 116 -27.04 -11.48 -16.02
N PHE D 117 -27.90 -12.44 -16.35
CA PHE D 117 -27.70 -13.84 -15.99
C PHE D 117 -27.42 -14.76 -17.17
N THR D 118 -26.62 -14.28 -18.12
CA THR D 118 -26.25 -15.08 -19.28
C THR D 118 -24.72 -15.06 -19.36
N PRO D 119 -24.12 -16.18 -19.80
CA PRO D 119 -22.68 -16.41 -19.95
C PRO D 119 -21.86 -15.40 -20.73
N TYR D 120 -20.70 -15.07 -20.17
CA TYR D 120 -19.74 -14.15 -20.78
C TYR D 120 -20.29 -12.82 -21.26
N ALA D 121 -21.32 -12.33 -20.59
CA ALA D 121 -21.91 -11.05 -20.96
C ALA D 121 -21.13 -9.94 -20.25
N ASN D 122 -19.88 -9.75 -20.67
CA ASN D 122 -19.00 -8.72 -20.11
C ASN D 122 -18.21 -8.07 -21.23
N CYS D 123 -17.80 -6.82 -21.01
CA CYS D 123 -16.99 -6.15 -22.00
C CYS D 123 -16.21 -5.01 -21.34
N ILE D 124 -15.12 -4.61 -22.00
CA ILE D 124 -14.30 -3.52 -21.52
C ILE D 124 -14.45 -2.38 -22.53
N LEU D 125 -14.83 -1.21 -22.05
CA LEU D 125 -14.95 -0.05 -22.93
C LEU D 125 -13.70 0.78 -22.70
N GLN D 126 -12.94 1.03 -23.77
CA GLN D 126 -11.72 1.83 -23.68
C GLN D 126 -12.00 3.24 -24.18
N ALA D 127 -11.88 4.21 -23.28
CA ALA D 127 -12.14 5.62 -23.60
C ALA D 127 -11.33 6.19 -24.75
N GLY D 128 -12.01 7.00 -25.57
CA GLY D 128 -11.35 7.65 -26.70
C GLY D 128 -11.12 9.10 -26.31
N VAL D 129 -10.83 9.97 -27.27
CA VAL D 129 -10.59 11.37 -26.96
C VAL D 129 -11.52 12.26 -27.79
N LEU D 130 -11.92 13.40 -27.20
CA LEU D 130 -12.84 14.32 -27.87
C LEU D 130 -12.24 15.31 -28.87
N PHE D 131 -10.93 15.26 -29.08
CA PHE D 131 -10.28 16.17 -30.01
C PHE D 131 -9.04 15.54 -30.61
N MET E 1 -5.23 37.05 3.85
CA MET E 1 -4.91 36.37 2.56
C MET E 1 -3.41 36.35 2.30
N LYS E 2 -2.98 35.38 1.50
CA LYS E 2 -1.59 35.22 1.12
C LYS E 2 -1.26 36.40 0.20
N LYS E 3 -0.15 37.08 0.48
CA LYS E 3 0.25 38.24 -0.32
C LYS E 3 1.02 37.91 -1.59
N HIS E 4 1.85 36.89 -1.55
CA HIS E 4 2.66 36.53 -2.70
C HIS E 4 2.48 35.10 -3.18
N GLY E 5 3.00 34.83 -4.37
CA GLY E 5 2.92 33.49 -4.93
C GLY E 5 1.69 33.22 -5.77
N ILE E 6 1.57 31.98 -6.22
CA ILE E 6 0.45 31.56 -7.05
C ILE E 6 -0.87 31.71 -6.31
N LEU E 7 -1.90 32.16 -7.02
CA LEU E 7 -3.21 32.37 -6.42
C LEU E 7 -3.98 31.11 -6.06
N ASN E 8 -3.84 30.07 -6.88
CA ASN E 8 -4.57 28.83 -6.64
C ASN E 8 -4.07 28.11 -5.39
N SER E 9 -4.99 27.84 -4.46
CA SER E 9 -4.64 27.18 -3.21
C SER E 9 -4.12 25.76 -3.39
N HIS E 10 -4.71 25.00 -4.30
CA HIS E 10 -4.25 23.63 -4.54
C HIS E 10 -2.83 23.64 -5.09
N LEU E 11 -2.58 24.51 -6.07
CA LEU E 11 -1.26 24.61 -6.68
C LEU E 11 -0.19 25.13 -5.73
N ALA E 12 -0.55 26.08 -4.88
CA ALA E 12 0.41 26.64 -3.91
C ALA E 12 0.95 25.51 -3.03
N LYS E 13 0.07 24.61 -2.60
CA LYS E 13 0.48 23.51 -1.74
C LYS E 13 1.46 22.58 -2.44
N ILE E 14 1.25 22.34 -3.74
CA ILE E 14 2.16 21.49 -4.50
C ILE E 14 3.51 22.18 -4.70
N LEU E 15 3.50 23.46 -5.08
CA LEU E 15 4.75 24.17 -5.29
C LEU E 15 5.55 24.26 -4.01
N ALA E 16 4.86 24.41 -2.88
CA ALA E 16 5.51 24.52 -1.58
C ALA E 16 6.40 23.31 -1.27
N ASP E 17 5.96 22.13 -1.69
CA ASP E 17 6.75 20.91 -1.42
C ASP E 17 7.76 20.53 -2.47
N LEU E 18 7.86 21.30 -3.55
CA LEU E 18 8.82 20.98 -4.60
C LEU E 18 10.26 21.07 -4.15
N GLY E 19 11.04 20.05 -4.51
CA GLY E 19 12.46 20.02 -4.21
C GLY E 19 13.12 19.87 -5.57
N HIS E 20 14.45 20.00 -5.63
CA HIS E 20 15.18 19.88 -6.88
C HIS E 20 14.88 18.57 -7.62
N THR E 21 14.49 18.72 -8.89
CA THR E 21 14.17 17.62 -9.81
C THR E 21 12.75 17.07 -9.73
N ASP E 22 11.94 17.52 -8.76
CA ASP E 22 10.56 17.05 -8.68
C ASP E 22 9.84 17.53 -9.94
N LYS E 23 8.83 16.78 -10.36
CA LYS E 23 8.11 17.11 -11.58
C LYS E 23 6.61 17.29 -11.42
N ILE E 24 6.05 18.20 -12.21
CA ILE E 24 4.60 18.40 -12.22
C ILE E 24 4.21 18.40 -13.70
N VAL E 25 2.96 18.03 -13.98
CA VAL E 25 2.50 17.96 -15.36
C VAL E 25 1.37 18.95 -15.66
N ILE E 26 1.44 19.60 -16.81
CA ILE E 26 0.38 20.51 -17.25
C ILE E 26 -0.20 19.69 -18.38
N ALA E 27 -1.51 19.46 -18.38
CA ALA E 27 -2.09 18.61 -19.40
C ALA E 27 -3.36 19.10 -20.09
N ASP E 28 -3.61 18.59 -21.29
CA ASP E 28 -4.83 18.96 -22.01
C ASP E 28 -5.96 18.13 -21.39
N ALA E 29 -7.19 18.37 -21.84
CA ALA E 29 -8.35 17.68 -21.28
C ALA E 29 -8.43 16.16 -21.48
N GLY E 30 -7.57 15.61 -22.32
CA GLY E 30 -7.63 14.17 -22.57
C GLY E 30 -6.54 13.29 -22.00
N LEU E 31 -5.46 13.87 -21.48
CA LEU E 31 -4.37 13.07 -20.94
C LEU E 31 -4.84 12.20 -19.77
N PRO E 32 -4.53 10.89 -19.80
CA PRO E 32 -4.97 10.05 -18.67
C PRO E 32 -4.04 10.31 -17.49
N VAL E 33 -4.56 10.25 -16.28
CA VAL E 33 -3.75 10.47 -15.10
C VAL E 33 -3.43 9.13 -14.44
N PRO E 34 -2.14 8.82 -14.25
CA PRO E 34 -1.73 7.56 -13.62
C PRO E 34 -2.34 7.40 -12.24
N ASP E 35 -2.66 6.15 -11.87
CA ASP E 35 -3.23 5.89 -10.55
C ASP E 35 -2.22 6.31 -9.49
N GLY E 36 -2.69 6.99 -8.45
CA GLY E 36 -1.79 7.43 -7.40
C GLY E 36 -1.22 8.82 -7.59
N VAL E 37 -1.42 9.43 -8.74
CA VAL E 37 -0.91 10.77 -8.98
C VAL E 37 -2.03 11.76 -8.74
N LEU E 38 -1.74 12.80 -7.95
CA LEU E 38 -2.72 13.82 -7.63
C LEU E 38 -3.16 14.59 -8.87
N LYS E 39 -4.46 14.81 -8.97
CA LYS E 39 -5.02 15.54 -10.11
C LYS E 39 -5.71 16.82 -9.67
N ILE E 40 -5.27 17.95 -10.23
CA ILE E 40 -5.89 19.23 -9.92
C ILE E 40 -6.50 19.68 -11.24
N ASP E 41 -7.82 19.70 -11.29
CA ASP E 41 -8.54 20.06 -12.50
C ASP E 41 -9.00 21.51 -12.50
N LEU E 42 -8.38 22.34 -13.34
CA LEU E 42 -8.72 23.74 -13.43
C LEU E 42 -9.68 24.05 -14.57
N SER E 43 -9.95 23.07 -15.41
CA SER E 43 -10.83 23.29 -16.56
C SER E 43 -12.21 23.81 -16.18
N LEU E 44 -12.77 24.66 -17.03
CA LEU E 44 -14.11 25.21 -16.82
C LEU E 44 -14.95 24.80 -18.03
N LYS E 45 -14.37 24.95 -19.21
CA LYS E 45 -15.01 24.58 -20.47
C LYS E 45 -13.91 24.49 -21.51
N PRO E 46 -14.20 23.91 -22.69
CA PRO E 46 -13.16 23.81 -23.72
C PRO E 46 -12.42 25.12 -23.98
N GLY E 47 -11.09 25.05 -23.87
CA GLY E 47 -10.28 26.24 -24.10
C GLY E 47 -10.12 27.15 -22.90
N LEU E 48 -10.79 26.82 -21.80
CA LEU E 48 -10.70 27.65 -20.61
C LEU E 48 -10.46 26.80 -19.36
N PRO E 49 -9.26 26.93 -18.75
CA PRO E 49 -8.17 27.80 -19.19
C PRO E 49 -7.33 27.11 -20.25
N ALA E 50 -6.63 27.90 -21.04
CA ALA E 50 -5.79 27.37 -22.10
C ALA E 50 -4.45 26.87 -21.57
N PHE E 51 -3.81 26.00 -22.34
CA PHE E 51 -2.51 25.45 -22.01
C PHE E 51 -1.50 26.59 -21.83
N GLN E 52 -1.55 27.55 -22.74
CA GLN E 52 -0.64 28.69 -22.71
C GLN E 52 -0.78 29.54 -21.46
N ASP E 53 -2.00 29.85 -21.07
CA ASP E 53 -2.22 30.65 -19.88
C ASP E 53 -1.69 29.93 -18.64
N THR E 54 -1.97 28.64 -18.53
CA THR E 54 -1.53 27.85 -17.38
C THR E 54 -0.01 27.73 -17.32
N ALA E 55 0.62 27.40 -18.44
CA ALA E 55 2.08 27.27 -18.50
C ALA E 55 2.78 28.59 -18.15
N ALA E 56 2.20 29.70 -18.59
CA ALA E 56 2.78 31.02 -18.32
C ALA E 56 2.77 31.34 -16.83
N VAL E 57 1.65 31.09 -16.17
CA VAL E 57 1.52 31.34 -14.73
C VAL E 57 2.52 30.49 -13.94
N LEU E 58 2.63 29.22 -14.30
CA LEU E 58 3.56 28.32 -13.60
C LEU E 58 5.02 28.73 -13.80
N ALA E 59 5.35 29.13 -15.02
CA ALA E 59 6.73 29.54 -15.34
C ALA E 59 7.15 30.71 -14.44
N GLU E 60 6.20 31.58 -14.16
CA GLU E 60 6.45 32.75 -13.31
C GLU E 60 6.53 32.43 -11.82
N GLU E 61 5.92 31.32 -11.40
CA GLU E 61 5.89 30.96 -9.99
C GLU E 61 6.78 29.79 -9.58
N MET E 62 7.33 29.11 -10.57
CA MET E 62 8.18 27.95 -10.31
C MET E 62 9.52 28.06 -11.01
N ALA E 63 10.58 27.61 -10.35
CA ALA E 63 11.90 27.63 -10.96
C ALA E 63 12.01 26.32 -11.75
N VAL E 64 12.02 26.46 -13.08
CA VAL E 64 12.10 25.30 -13.98
C VAL E 64 13.48 25.15 -14.61
N GLU E 65 14.10 23.97 -14.45
CA GLU E 65 15.42 23.72 -15.02
C GLU E 65 15.31 22.93 -16.32
N LYS E 66 14.20 22.25 -16.50
CA LYS E 66 14.01 21.46 -17.71
C LYS E 66 12.54 21.26 -18.03
N VAL E 67 12.24 21.19 -19.32
CA VAL E 67 10.88 20.99 -19.79
C VAL E 67 10.90 19.75 -20.68
N ILE E 68 9.91 18.87 -20.50
CA ILE E 68 9.83 17.66 -21.29
C ILE E 68 8.50 17.67 -22.01
N ALA E 69 8.50 17.30 -23.28
CA ALA E 69 7.28 17.29 -24.08
C ALA E 69 7.33 16.15 -25.10
N ALA E 70 6.18 15.82 -25.68
CA ALA E 70 6.09 14.76 -26.66
C ALA E 70 6.40 15.28 -28.07
N ALA E 71 7.25 14.57 -28.78
CA ALA E 71 7.62 14.95 -30.14
C ALA E 71 6.39 15.21 -31.02
N GLU E 72 5.32 14.47 -30.77
CA GLU E 72 4.09 14.64 -31.56
C GLU E 72 3.52 16.06 -31.55
N ILE E 73 3.87 16.86 -30.54
CA ILE E 73 3.34 18.22 -30.46
C ILE E 73 3.82 19.08 -31.62
N LYS E 74 5.04 18.83 -32.09
CA LYS E 74 5.62 19.59 -33.20
C LYS E 74 4.84 19.34 -34.50
N ALA E 75 4.21 18.17 -34.58
CA ALA E 75 3.48 17.79 -35.79
C ALA E 75 2.00 18.16 -35.79
N SER E 76 1.34 18.05 -34.66
CA SER E 76 -0.08 18.33 -34.61
C SER E 76 -0.47 19.63 -33.88
N ASN E 77 0.50 20.31 -33.31
CA ASN E 77 0.18 21.52 -32.55
C ASN E 77 1.34 22.51 -32.57
N GLN E 78 1.76 22.91 -33.77
CA GLN E 78 2.88 23.85 -33.93
C GLN E 78 2.69 25.12 -33.10
N GLU E 79 1.46 25.60 -33.04
CA GLU E 79 1.13 26.81 -32.29
C GLU E 79 1.65 26.72 -30.85
N ASN E 80 1.23 25.67 -30.15
CA ASN E 80 1.64 25.48 -28.76
C ASN E 80 3.09 25.02 -28.63
N ALA E 81 3.61 24.38 -29.66
CA ALA E 81 4.99 23.93 -29.63
C ALA E 81 5.91 25.15 -29.63
N LYS E 82 5.59 26.13 -30.48
CA LYS E 82 6.38 27.35 -30.57
C LYS E 82 6.30 28.13 -29.26
N PHE E 83 5.09 28.25 -28.73
CA PHE E 83 4.88 28.95 -27.48
C PHE E 83 5.80 28.41 -26.40
N LEU E 84 5.89 27.08 -26.34
CA LEU E 84 6.72 26.40 -25.35
C LEU E 84 8.21 26.70 -25.55
N GLU E 85 8.65 26.68 -26.79
CA GLU E 85 10.05 26.95 -27.11
C GLU E 85 10.41 28.40 -26.72
N ASN E 86 9.46 29.31 -26.92
CA ASN E 86 9.66 30.72 -26.59
C ASN E 86 9.63 30.97 -25.09
N LEU E 87 8.58 30.48 -24.43
CA LEU E 87 8.42 30.65 -22.99
C LEU E 87 9.62 30.14 -22.20
N PHE E 88 10.13 28.96 -22.57
CA PHE E 88 11.28 28.40 -21.85
C PHE E 88 12.55 28.42 -22.67
N SER E 89 12.85 29.58 -23.26
CA SER E 89 14.05 29.73 -24.09
C SER E 89 15.35 29.44 -23.35
N GLU E 90 15.40 29.80 -22.07
CA GLU E 90 16.60 29.59 -21.27
C GLU E 90 16.74 28.16 -20.72
N GLN E 91 15.64 27.42 -20.65
CA GLN E 91 15.69 26.06 -20.13
C GLN E 91 15.95 25.01 -21.20
N GLU E 92 16.28 23.81 -20.74
CA GLU E 92 16.52 22.68 -21.62
C GLU E 92 15.16 22.07 -21.96
N ILE E 93 14.89 21.87 -23.25
CA ILE E 93 13.63 21.29 -23.68
C ILE E 93 13.89 19.96 -24.38
N GLU E 94 13.35 18.88 -23.82
CA GLU E 94 13.54 17.57 -24.41
C GLU E 94 12.25 16.98 -24.96
N TYR E 95 12.34 16.42 -26.16
CA TYR E 95 11.19 15.80 -26.80
C TYR E 95 11.35 14.30 -26.80
N LEU E 96 10.31 13.61 -26.35
CA LEU E 96 10.31 12.16 -26.30
C LEU E 96 9.02 11.75 -27.00
N SER E 97 8.88 10.45 -27.27
CA SER E 97 7.66 9.98 -27.91
C SER E 97 6.56 10.11 -26.86
N HIS E 98 5.33 10.32 -27.31
CA HIS E 98 4.22 10.47 -26.40
C HIS E 98 4.09 9.26 -25.46
N GLU E 99 4.42 8.07 -25.95
CA GLU E 99 4.35 6.86 -25.10
C GLU E 99 5.29 6.99 -23.91
N GLU E 100 6.53 7.39 -24.19
CA GLU E 100 7.51 7.57 -23.12
C GLU E 100 7.06 8.70 -22.18
N PHE E 101 6.56 9.78 -22.78
CA PHE E 101 6.08 10.90 -22.01
C PHE E 101 5.09 10.42 -20.95
N LYS E 102 4.08 9.65 -21.37
CA LYS E 102 3.09 9.13 -20.43
C LYS E 102 3.73 8.33 -19.31
N LEU E 103 4.73 7.53 -19.65
CA LEU E 103 5.46 6.73 -18.67
C LEU E 103 6.07 7.63 -17.59
N LEU E 104 6.67 8.74 -18.02
CA LEU E 104 7.30 9.66 -17.08
C LEU E 104 6.31 10.35 -16.14
N THR E 105 5.06 10.49 -16.57
CA THR E 105 4.06 11.16 -15.74
C THR E 105 3.72 10.37 -14.46
N LYS E 106 4.15 9.11 -14.40
CA LYS E 106 3.89 8.28 -13.21
C LYS E 106 4.66 8.80 -12.00
N ASP E 107 5.78 9.48 -12.25
CA ASP E 107 6.63 10.02 -11.19
C ASP E 107 6.33 11.47 -10.83
N ALA E 108 5.31 12.05 -11.45
CA ALA E 108 4.97 13.44 -11.18
C ALA E 108 4.29 13.61 -9.83
N LYS E 109 4.45 14.78 -9.23
CA LYS E 109 3.84 15.08 -7.94
C LYS E 109 2.37 15.44 -8.16
N ALA E 110 2.05 15.87 -9.38
CA ALA E 110 0.67 16.22 -9.70
C ALA E 110 0.48 16.47 -11.18
N VAL E 111 -0.78 16.35 -11.61
CA VAL E 111 -1.13 16.62 -12.98
C VAL E 111 -2.14 17.75 -12.92
N ILE E 112 -1.86 18.82 -13.64
CA ILE E 112 -2.76 19.97 -13.67
C ILE E 112 -3.53 19.87 -14.97
N ARG E 113 -4.83 19.64 -14.87
CA ARG E 113 -5.67 19.49 -16.05
C ARG E 113 -6.22 20.84 -16.49
N THR E 114 -5.94 21.22 -17.73
CA THR E 114 -6.43 22.48 -18.27
C THR E 114 -7.63 22.18 -19.17
N GLY E 115 -8.21 23.21 -19.78
CA GLY E 115 -9.35 22.98 -20.65
C GLY E 115 -8.93 22.88 -22.12
N GLU E 116 -7.62 22.82 -22.35
CA GLU E 116 -7.06 22.75 -23.69
C GLU E 116 -7.58 21.55 -24.50
N PHE E 117 -8.19 21.85 -25.64
CA PHE E 117 -8.75 20.83 -26.51
C PHE E 117 -7.98 20.67 -27.82
N THR E 118 -6.65 20.71 -27.74
CA THR E 118 -5.81 20.53 -28.92
C THR E 118 -4.84 19.39 -28.60
N PRO E 119 -4.43 18.63 -29.62
CA PRO E 119 -3.52 17.48 -29.51
C PRO E 119 -2.14 17.69 -28.88
N TYR E 120 -1.79 16.76 -28.00
CA TYR E 120 -0.49 16.72 -27.33
C TYR E 120 -0.03 18.00 -26.63
N ALA E 121 -0.99 18.76 -26.13
CA ALA E 121 -0.68 19.99 -25.42
C ALA E 121 -0.42 19.63 -23.95
N ASN E 122 0.70 18.95 -23.73
CA ASN E 122 1.10 18.53 -22.39
C ASN E 122 2.60 18.75 -22.25
N CYS E 123 3.05 19.01 -21.03
CA CYS E 123 4.48 19.16 -20.79
C CYS E 123 4.77 18.85 -19.34
N ILE E 124 6.01 18.43 -19.08
CA ILE E 124 6.44 18.14 -17.73
C ILE E 124 7.45 19.20 -17.34
N LEU E 125 7.22 19.85 -16.20
CA LEU E 125 8.14 20.87 -15.70
C LEU E 125 8.93 20.22 -14.57
N GLN E 126 10.26 20.27 -14.70
CA GLN E 126 11.15 19.71 -13.71
C GLN E 126 11.73 20.86 -12.90
N ALA E 127 11.50 20.82 -11.60
CA ALA E 127 11.93 21.86 -10.67
C ALA E 127 13.43 22.06 -10.58
N GLY E 128 13.83 23.32 -10.54
CA GLY E 128 15.24 23.64 -10.42
C GLY E 128 15.52 23.95 -8.96
N VAL E 129 16.63 24.62 -8.69
CA VAL E 129 16.97 24.97 -7.32
C VAL E 129 17.32 26.46 -7.27
N LEU E 130 17.00 27.12 -6.17
CA LEU E 130 17.25 28.56 -6.03
C LEU E 130 18.63 28.97 -5.55
N PHE E 131 19.56 28.03 -5.44
CA PHE E 131 20.90 28.36 -4.99
C PHE E 131 21.91 27.31 -5.44
CL CL F . 11.88 13.75 24.82
C1 RIP G . 19.37 19.48 -4.10
C2 RIP G . 20.00 19.99 -2.83
C3 RIP G . 21.51 20.00 -2.98
C4 RIP G . 22.00 20.78 -4.21
C5 RIP G . 21.30 20.19 -5.43
O1 RIP G . 19.61 18.11 -4.29
O2 RIP G . 19.50 21.28 -2.58
O3 RIP G . 22.12 20.49 -1.82
O4 RIP G . 21.67 22.15 -4.11
O5 RIP G . 19.87 20.16 -5.28
C1 RIP H . 20.37 -3.15 18.69
C2 RIP H . 19.85 -3.96 19.85
C3 RIP H . 20.80 -5.10 20.16
C4 RIP H . 22.24 -4.65 20.38
C5 RIP H . 22.67 -3.85 19.15
O1 RIP H . 20.28 -3.89 17.48
O2 RIP H . 19.73 -3.08 20.95
O3 RIP H . 20.34 -5.85 21.26
O4 RIP H . 22.34 -3.83 21.52
O5 RIP H . 21.76 -2.77 18.84
C1 RIP I . -2.52 -24.93 12.32
C2 RIP I . -3.94 -25.38 12.09
C3 RIP I . -3.96 -26.77 11.48
C4 RIP I . -3.16 -27.80 12.26
C5 RIP I . -1.74 -27.25 12.44
O1 RIP I . -1.87 -24.65 11.10
O2 RIP I . -4.61 -25.36 13.34
O3 RIP I . -5.28 -27.23 11.29
O4 RIP I . -3.73 -28.02 13.54
O5 RIP I . -1.72 -25.92 13.01
C1 RIP J . -17.80 -15.66 -14.73
C2 RIP J . -18.66 -14.72 -15.53
C3 RIP J . -18.65 -15.15 -16.99
C4 RIP J . -19.05 -16.61 -17.21
C5 RIP J . -18.14 -17.47 -16.33
O1 RIP J . -16.43 -15.52 -15.09
O2 RIP J . -19.96 -14.77 -14.97
O3 RIP J . -19.47 -14.31 -17.76
O4 RIP J . -20.39 -16.84 -16.82
O5 RIP J . -18.14 -17.05 -14.95
CL CL K . -21.81 14.65 -16.04
C1 RIP L . -4.20 11.91 -24.84
C2 RIP L . -3.89 13.38 -24.78
C3 RIP L . -2.94 13.73 -25.91
C4 RIP L . -3.45 13.34 -27.28
C5 RIP L . -3.76 11.84 -27.25
O1 RIP L . -3.08 11.14 -24.50
O2 RIP L . -5.10 14.09 -24.87
O3 RIP L . -2.64 15.11 -25.89
O4 RIP L . -4.63 14.04 -27.61
O5 RIP L . -4.64 11.49 -26.15
#